data_3D12
#
_entry.id   3D12
#
_cell.length_a   189.492
_cell.length_b   189.492
_cell.length_c   277.052
_cell.angle_alpha   90.00
_cell.angle_beta   90.00
_cell.angle_gamma   120.00
#
_symmetry.space_group_name_H-M   'P 65 2 2'
#
loop_
_entity.id
_entity.type
_entity.pdbx_description
1 polymer Hemagglutinin-neuraminidase
2 polymer Ephrin-B3
3 branched beta-D-mannopyranose-(1-3)-[alpha-D-mannopyranose-(1-6)]beta-D-mannopyranose-(1-4)-2-acetamido-2-deoxy-beta-D-glucopyranose-(1-4)-2-acetamido-2-deoxy-beta-D-glucopyranose
4 branched beta-D-glucopyranose-(1-3)-[alpha-D-glucopyranose-(1-6)]beta-D-gulopyranose-(1-4)-2-acetamido-2-deoxy-beta-D-galactopyranose-(1-4)-[beta-D-glucopyranose-(1-3)][alpha-D-glucopyranose-(1-6)]2-acetamido-2-deoxy-alpha-D-idopyranose
5 branched 2-acetamido-2-deoxy-beta-D-glucopyranose-(1-4)-2-acetamido-2-deoxy-beta-D-glucopyranose
6 branched beta-D-glucopyranose-(1-3)-[alpha-D-mannopyranose-(1-6)]beta-D-mannopyranose-(1-4)-2-acetamido-2-deoxy-beta-D-glucopyranose-(1-4)-2-acetamido-2-deoxy-beta-D-glucopyranose
7 branched beta-D-glucopyranose-(1-3)-[alpha-D-glucopyranose-(1-6)]beta-D-gulopyranose-(1-4)-2-acetamido-2-deoxy-alpha-L-glucopyranose-(1-4)-[beta-D-glucopyranose-(1-3)][alpha-L-galactopyranose-(1-6)]2-acetamido-2-deoxy-beta-D-gulopyranose
8 non-polymer 2-acetamido-2-deoxy-beta-D-glucopyranose
9 non-polymer 'SULFATE ION'
10 water water
#
loop_
_entity_poly.entity_id
_entity_poly.type
_entity_poly.pdbx_seq_one_letter_code
_entity_poly.pdbx_strand_id
1 'polypeptide(L)'
;EGVSNLVGLPNNICLQKTSNQILKPKLISYTLPVVGQSGTCITDPLLAMDEGYFAYSHLERIGSCSRGVSKQRIIGVGEV
LDRGDEVPSLFMTNVWTPPNPNTVYHCSAVYNNEFYYVLCAVSTVGDPILNSTYWSGSLMMTRLAVKPKSNGGGYNQHQL
ALRSIEKGRYDKVMPYGPSGIKQGDTLYFPAVGFLVRTEFKYNDSNCPITKCQYSKPENCRLSMGIRPNSHYILRSGLLK
YNLSDGENPKVVFIEISDQRLSIGSPSKIYDSLGQPVFYQASFSWDTMIKFGDVLTVNPLVVNWRNNTVISRPGQSQCPR
FNTCPEICWEGVYNDAFLIDRINWISAGVFLDSNQTAENPVFTVFKDNEILYRAQLASEDTNAQKTITNCFLLKNKIWCI
SLVEIYDTGDNVIRPKLFAVKIPEQCTA
;
A,D
2 'polypeptide(L)'
;SLEPVYWNSANKRFQAEGGYVLYPQIGDRLDLLCPRARPPGPHSSPSYEFYKLYLVEGAQGRRCEAPPAPNLLLTCDRPD
LDLRFTIKFQEYSPNLWGHEFRSHHDYYIIATSDGTREGLESLQGGVCLTRGMKVLLRVGQ
;
B,E
#
# COMPACT_ATOMS: atom_id res chain seq x y z
N GLU A 1 -24.45 -8.56 2.80
CA GLU A 1 -24.25 -7.25 3.40
C GLU A 1 -22.85 -7.12 3.99
N GLY A 2 -21.87 -6.73 3.17
CA GLY A 2 -20.48 -6.64 3.62
C GLY A 2 -19.49 -5.91 2.71
N VAL A 3 -19.46 -4.57 2.84
CA VAL A 3 -18.53 -3.75 2.07
C VAL A 3 -17.27 -3.41 2.87
N SER A 4 -16.10 -3.66 2.31
CA SER A 4 -14.86 -3.22 2.96
C SER A 4 -14.03 -2.27 2.08
N ASN A 5 -13.09 -1.57 2.72
CA ASN A 5 -12.18 -0.68 1.99
C ASN A 5 -11.43 -1.37 0.86
N LEU A 6 -10.93 -0.57 -0.08
CA LEU A 6 -10.15 -1.08 -1.21
C LEU A 6 -8.71 -1.37 -0.77
N VAL A 7 -8.36 -2.65 -0.76
CA VAL A 7 -7.08 -3.10 -0.20
C VAL A 7 -6.50 -4.35 -0.85
N GLY A 8 -5.20 -4.51 -0.71
CA GLY A 8 -4.51 -5.71 -1.19
C GLY A 8 -4.64 -5.93 -2.69
N LEU A 9 -4.94 -7.16 -3.08
CA LEU A 9 -5.10 -7.48 -4.49
C LEU A 9 -6.52 -7.95 -4.81
N PRO A 10 -7.36 -7.03 -5.31
CA PRO A 10 -8.76 -7.37 -5.58
C PRO A 10 -8.86 -8.11 -6.91
N ASN A 11 -10.08 -8.46 -7.31
CA ASN A 11 -10.34 -8.96 -8.66
C ASN A 11 -9.71 -8.07 -9.72
N ASN A 12 -9.30 -8.64 -10.83
CA ASN A 12 -8.73 -7.85 -11.91
C ASN A 12 -9.75 -6.91 -12.57
N ILE A 13 -9.23 -5.78 -13.04
CA ILE A 13 -10.03 -4.82 -13.78
C ILE A 13 -9.40 -4.68 -15.16
N CYS A 14 -10.19 -4.19 -16.11
CA CYS A 14 -9.71 -3.97 -17.47
C CYS A 14 -8.55 -2.97 -17.47
N LEU A 15 -7.39 -3.42 -17.99
CA LEU A 15 -6.20 -2.57 -18.04
C LEU A 15 -5.99 -2.01 -19.44
N GLN A 16 -6.96 -2.26 -20.32
CA GLN A 16 -6.90 -1.82 -21.70
C GLN A 16 -7.60 -0.49 -21.92
N LYS A 17 -7.10 0.30 -22.87
CA LYS A 17 -7.91 1.39 -23.42
C LYS A 17 -8.87 0.78 -24.44
N THR A 18 -10.14 1.14 -24.34
CA THR A 18 -11.17 0.57 -25.20
C THR A 18 -12.32 1.55 -25.43
N SER A 19 -13.21 1.21 -26.37
CA SER A 19 -14.35 2.04 -26.71
C SER A 19 -15.64 1.33 -26.29
N ASN A 20 -15.51 0.08 -25.87
CA ASN A 20 -16.66 -0.74 -25.52
C ASN A 20 -17.39 -0.23 -24.29
N GLN A 21 -18.72 -0.25 -24.34
CA GLN A 21 -19.53 0.18 -23.20
C GLN A 21 -19.50 -0.84 -22.06
N ILE A 22 -18.29 -1.02 -21.51
CA ILE A 22 -18.05 -1.96 -20.41
C ILE A 22 -18.43 -1.37 -19.05
N LEU A 23 -18.55 -0.05 -18.98
CA LEU A 23 -18.99 0.60 -17.76
C LEU A 23 -20.52 0.80 -17.81
N LYS A 24 -21.23 0.27 -16.82
CA LYS A 24 -22.69 0.38 -16.78
C LYS A 24 -23.21 0.96 -15.46
N PRO A 25 -23.20 2.30 -15.35
CA PRO A 25 -23.57 3.00 -14.11
C PRO A 25 -25.00 2.67 -13.67
N LYS A 26 -25.26 2.67 -12.37
CA LYS A 26 -26.61 2.44 -11.87
C LYS A 26 -27.00 3.58 -10.95
N LEU A 27 -28.26 3.98 -11.00
CA LEU A 27 -28.77 5.00 -10.09
C LEU A 27 -29.16 4.35 -8.76
N ILE A 28 -28.82 4.99 -7.64
CA ILE A 28 -29.14 4.42 -6.33
C ILE A 28 -29.59 5.47 -5.31
N SER A 29 -29.78 6.69 -5.79
CA SER A 29 -30.05 7.84 -4.91
C SER A 29 -31.14 7.60 -3.85
N TYR A 30 -32.25 6.97 -4.27
CA TYR A 30 -33.43 6.74 -3.43
C TYR A 30 -33.16 6.06 -2.09
N THR A 31 -32.20 5.12 -2.08
CA THR A 31 -31.79 4.46 -0.85
C THR A 31 -31.33 5.48 0.17
N LEU A 32 -30.91 6.64 -0.34
CA LEU A 32 -30.65 7.82 0.47
C LEU A 32 -31.72 8.88 0.15
N PRO A 33 -32.87 8.82 0.86
CA PRO A 33 -34.06 9.65 0.56
C PRO A 33 -33.78 11.15 0.65
N VAL A 34 -34.36 11.89 -0.31
CA VAL A 34 -34.32 13.35 -0.32
C VAL A 34 -35.65 13.93 -0.82
N VAL A 35 -36.07 15.05 -0.23
CA VAL A 35 -37.36 15.67 -0.56
C VAL A 35 -37.16 17.11 -1.03
N GLY A 36 -38.26 17.83 -1.21
CA GLY A 36 -38.21 19.23 -1.61
C GLY A 36 -39.30 19.65 -2.59
N GLN A 37 -40.03 20.69 -2.23
CA GLN A 37 -41.04 21.29 -3.10
C GLN A 37 -40.38 21.80 -4.38
N SER A 38 -41.19 22.16 -5.37
CA SER A 38 -40.64 22.78 -6.58
C SER A 38 -39.84 24.01 -6.19
N GLY A 39 -38.88 24.39 -7.04
CA GLY A 39 -38.05 25.56 -6.79
C GLY A 39 -37.09 25.38 -5.62
N THR A 40 -37.02 24.16 -5.09
CA THR A 40 -36.05 23.86 -4.05
C THR A 40 -34.74 23.39 -4.67
N CYS A 41 -33.62 23.81 -4.08
CA CYS A 41 -32.31 23.51 -4.62
C CYS A 41 -31.38 23.00 -3.54
N ILE A 42 -30.85 21.79 -3.73
CA ILE A 42 -30.02 21.14 -2.73
C ILE A 42 -28.55 21.19 -3.13
N THR A 43 -27.73 21.87 -2.32
CA THR A 43 -26.33 22.13 -2.64
C THR A 43 -25.35 21.89 -1.49
N ASP A 44 -24.12 22.37 -1.69
CA ASP A 44 -23.03 22.16 -0.74
C ASP A 44 -23.03 20.71 -0.26
N PRO A 45 -22.82 19.76 -1.19
CA PRO A 45 -22.96 18.32 -0.93
C PRO A 45 -21.65 17.74 -0.40
N LEU A 46 -21.74 16.92 0.66
CA LEU A 46 -20.59 16.21 1.21
C LEU A 46 -20.86 14.71 1.12
N LEU A 47 -19.83 13.93 0.76
CA LEU A 47 -19.94 12.47 0.77
C LEU A 47 -18.63 11.78 1.16
N ALA A 48 -18.66 11.13 2.31
CA ALA A 48 -17.48 10.45 2.83
C ALA A 48 -17.74 8.95 2.97
N MET A 49 -16.72 8.15 2.71
CA MET A 49 -16.84 6.71 2.87
C MET A 49 -15.61 6.11 3.51
N ASP A 50 -15.84 5.16 4.42
CA ASP A 50 -14.77 4.49 5.16
C ASP A 50 -15.32 3.25 5.85
N GLU A 51 -14.65 2.12 5.62
CA GLU A 51 -14.95 0.87 6.32
C GLU A 51 -16.43 0.46 6.32
N GLY A 52 -17.10 0.66 5.18
CA GLY A 52 -18.49 0.29 5.05
C GLY A 52 -19.42 1.25 5.76
N TYR A 53 -18.97 2.49 5.93
CA TYR A 53 -19.85 3.54 6.43
C TYR A 53 -19.77 4.77 5.54
N PHE A 54 -20.69 5.70 5.75
CA PHE A 54 -20.70 6.93 4.96
C PHE A 54 -21.15 8.15 5.76
N ALA A 55 -20.53 9.28 5.46
CA ALA A 55 -20.97 10.57 5.94
C ALA A 55 -21.64 11.32 4.78
N TYR A 56 -22.65 12.11 5.10
CA TYR A 56 -23.34 12.86 4.07
C TYR A 56 -23.78 14.21 4.60
N SER A 57 -23.76 15.21 3.74
CA SER A 57 -24.28 16.52 4.11
C SER A 57 -24.86 17.22 2.90
N HIS A 58 -25.72 18.19 3.17
CA HIS A 58 -26.18 19.07 2.11
C HIS A 58 -26.91 20.28 2.70
N LEU A 59 -27.10 21.29 1.86
CA LEU A 59 -27.81 22.49 2.25
C LEU A 59 -28.96 22.71 1.29
N GLU A 60 -30.17 22.83 1.84
CA GLU A 60 -31.37 23.05 1.04
C GLU A 60 -31.67 24.54 0.94
N ARG A 61 -31.52 25.10 -0.27
CA ARG A 61 -31.88 26.49 -0.52
C ARG A 61 -33.20 26.51 -1.25
N ILE A 62 -34.02 27.53 -0.95
CA ILE A 62 -35.22 27.80 -1.74
C ILE A 62 -34.93 28.98 -2.66
N GLY A 63 -34.75 28.69 -3.95
CA GLY A 63 -34.37 29.69 -4.93
C GLY A 63 -33.24 29.22 -5.82
N SER A 64 -32.18 30.00 -5.90
CA SER A 64 -31.02 29.63 -6.70
C SER A 64 -30.03 28.78 -5.91
N CYS A 65 -29.24 27.97 -6.60
CA CYS A 65 -28.23 27.16 -5.93
C CYS A 65 -27.13 28.02 -5.33
N SER A 66 -26.98 29.23 -5.85
CA SER A 66 -25.95 30.16 -5.40
C SER A 66 -26.44 30.99 -4.22
N ARG A 67 -27.59 31.65 -4.41
CA ARG A 67 -28.02 32.67 -3.46
C ARG A 67 -29.43 32.50 -2.88
N GLY A 68 -30.05 31.35 -3.14
CA GLY A 68 -31.35 31.05 -2.56
C GLY A 68 -31.33 31.01 -1.04
N VAL A 69 -32.49 31.26 -0.43
CA VAL A 69 -32.60 31.26 1.03
C VAL A 69 -32.31 29.89 1.61
N SER A 70 -31.39 29.84 2.57
CA SER A 70 -31.07 28.58 3.24
C SER A 70 -32.25 28.09 4.06
N LYS A 71 -32.87 27.00 3.62
CA LYS A 71 -33.96 26.38 4.37
C LYS A 71 -33.44 25.48 5.49
N GLN A 72 -32.56 24.53 5.15
CA GLN A 72 -31.98 23.68 6.19
C GLN A 72 -30.68 22.96 5.81
N ARG A 73 -29.92 22.60 6.85
CA ARG A 73 -28.66 21.86 6.72
C ARG A 73 -28.84 20.40 7.14
N ILE A 74 -28.26 19.47 6.40
CA ILE A 74 -28.32 18.07 6.79
C ILE A 74 -26.92 17.47 6.96
N ILE A 75 -26.68 16.88 8.12
CA ILE A 75 -25.50 16.05 8.33
C ILE A 75 -25.97 14.66 8.74
N GLY A 76 -25.59 13.65 7.97
CA GLY A 76 -26.06 12.30 8.20
C GLY A 76 -25.02 11.24 7.98
N VAL A 77 -25.16 10.14 8.71
CA VAL A 77 -24.28 9.00 8.55
C VAL A 77 -25.11 7.71 8.47
N GLY A 78 -24.47 6.64 8.02
CA GLY A 78 -25.16 5.39 7.81
C GLY A 78 -24.19 4.37 7.23
N GLU A 79 -24.70 3.36 6.55
CA GLU A 79 -23.82 2.33 6.04
C GLU A 79 -24.03 1.94 4.59
N VAL A 80 -22.95 1.46 3.98
CA VAL A 80 -22.93 0.99 2.60
C VAL A 80 -23.15 -0.53 2.62
N LEU A 81 -24.25 -0.98 2.03
CA LEU A 81 -24.68 -2.37 2.18
C LEU A 81 -24.89 -3.05 0.84
N ASP A 82 -24.58 -4.34 0.77
CA ASP A 82 -25.01 -5.14 -0.37
C ASP A 82 -26.54 -5.19 -0.33
N ARG A 83 -27.17 -4.35 -1.16
CA ARG A 83 -28.62 -4.15 -1.12
C ARG A 83 -29.40 -5.42 -1.47
N GLY A 84 -28.71 -6.56 -1.47
CA GLY A 84 -29.29 -7.83 -1.83
C GLY A 84 -29.00 -8.15 -3.29
N ASP A 85 -29.00 -7.10 -4.11
CA ASP A 85 -28.73 -7.18 -5.53
C ASP A 85 -27.29 -7.65 -5.83
N GLU A 86 -26.41 -7.51 -4.85
CA GLU A 86 -24.97 -7.60 -5.05
C GLU A 86 -24.50 -6.27 -5.64
N VAL A 87 -25.21 -5.21 -5.24
CA VAL A 87 -24.93 -3.84 -5.66
C VAL A 87 -24.96 -2.94 -4.43
N PRO A 88 -23.89 -2.14 -4.24
CA PRO A 88 -23.71 -1.27 -3.06
C PRO A 88 -24.79 -0.21 -2.95
N SER A 89 -25.23 0.10 -1.73
CA SER A 89 -26.31 1.07 -1.56
C SER A 89 -26.26 1.77 -0.20
N LEU A 90 -26.67 3.04 -0.16
CA LEU A 90 -26.53 3.84 1.05
C LEU A 90 -27.74 3.80 1.97
N PHE A 91 -27.52 3.44 3.23
CA PHE A 91 -28.60 3.37 4.20
C PHE A 91 -28.32 4.23 5.45
N MET A 92 -29.13 5.28 5.60
CA MET A 92 -28.99 6.25 6.69
C MET A 92 -29.40 5.69 8.05
N THR A 93 -28.58 5.93 9.05
CA THR A 93 -28.86 5.44 10.41
C THR A 93 -28.94 6.57 11.42
N ASN A 94 -28.42 7.74 11.05
CA ASN A 94 -28.25 8.84 12.00
C ASN A 94 -28.18 10.23 11.31
N VAL A 95 -29.20 11.05 11.51
CA VAL A 95 -29.19 12.42 10.96
C VAL A 95 -29.32 13.48 12.03
N TRP A 96 -28.42 14.46 11.97
CA TRP A 96 -28.54 15.66 12.79
C TRP A 96 -28.77 16.88 11.89
N THR A 97 -29.72 17.72 12.27
CA THR A 97 -29.87 19.01 11.57
C THR A 97 -29.58 20.17 12.53
N PRO A 98 -28.63 21.03 12.15
CA PRO A 98 -28.21 22.21 12.93
C PRO A 98 -29.36 23.19 13.19
N PRO A 99 -29.28 23.96 14.28
CA PRO A 99 -30.26 24.97 14.65
C PRO A 99 -30.33 26.05 13.58
N ASN A 100 -29.18 26.65 13.27
CA ASN A 100 -29.13 27.64 12.21
C ASN A 100 -28.43 27.14 10.95
N PRO A 101 -29.19 27.04 9.84
CA PRO A 101 -28.68 26.68 8.51
C PRO A 101 -27.69 27.70 7.98
N ASN A 102 -27.82 28.95 8.43
CA ASN A 102 -26.97 30.06 7.96
C ASN A 102 -25.57 30.07 8.55
N THR A 103 -25.37 29.41 9.69
CA THR A 103 -24.11 29.54 10.40
C THR A 103 -23.08 28.47 10.07
N VAL A 104 -23.53 27.34 9.53
CA VAL A 104 -22.64 26.23 9.25
C VAL A 104 -22.12 26.24 7.81
N TYR A 105 -20.79 26.14 7.67
CA TYR A 105 -20.13 26.18 6.37
C TYR A 105 -18.98 25.17 6.26
N HIS A 106 -18.69 24.76 5.02
CA HIS A 106 -17.48 24.00 4.68
C HIS A 106 -17.18 22.79 5.57
N CYS A 107 -18.17 21.92 5.73
CA CYS A 107 -18.02 20.72 6.55
C CYS A 107 -17.04 19.71 5.94
N SER A 108 -16.37 18.94 6.80
CA SER A 108 -15.51 17.84 6.36
C SER A 108 -15.66 16.66 7.32
N ALA A 109 -15.63 15.44 6.79
CA ALA A 109 -15.84 14.26 7.63
C ALA A 109 -14.71 13.24 7.49
N VAL A 110 -14.27 12.68 8.62
CA VAL A 110 -13.44 11.47 8.66
C VAL A 110 -14.00 10.48 9.70
N TYR A 111 -13.95 9.19 9.40
CA TYR A 111 -14.54 8.17 10.29
C TYR A 111 -13.49 7.46 11.14
N ASN A 112 -13.76 7.29 12.44
CA ASN A 112 -12.80 6.59 13.29
C ASN A 112 -13.27 5.26 13.93
N ASN A 113 -14.15 5.36 14.92
CA ASN A 113 -14.47 4.16 15.69
C ASN A 113 -15.95 4.08 15.97
N GLU A 114 -16.68 3.49 15.03
CA GLU A 114 -18.14 3.42 15.12
C GLU A 114 -18.69 4.84 15.21
N PHE A 115 -17.85 5.80 14.81
CA PHE A 115 -18.13 7.23 14.86
C PHE A 115 -17.61 7.98 13.63
N TYR A 116 -18.49 8.74 12.98
CA TYR A 116 -18.06 9.74 12.01
C TYR A 116 -17.86 11.10 12.69
N TYR A 117 -16.71 11.72 12.43
CA TYR A 117 -16.43 13.03 12.97
C TYR A 117 -16.55 14.08 11.86
N VAL A 118 -17.37 15.11 12.10
CA VAL A 118 -17.60 16.16 11.09
C VAL A 118 -17.17 17.55 11.57
N LEU A 119 -16.05 18.02 11.02
CA LEU A 119 -15.52 19.37 11.26
C LEU A 119 -16.17 20.42 10.35
N CYS A 120 -16.65 21.50 10.95
CA CYS A 120 -17.36 22.55 10.21
C CYS A 120 -16.91 23.93 10.64
N ALA A 121 -17.19 24.93 9.81
CA ALA A 121 -16.93 26.31 10.17
C ALA A 121 -18.23 26.91 10.70
N VAL A 122 -18.13 27.72 11.75
CA VAL A 122 -19.29 28.47 12.24
C VAL A 122 -19.10 29.95 11.95
N SER A 123 -20.08 30.53 11.24
CA SER A 123 -19.95 31.87 10.69
C SER A 123 -21.28 32.64 10.65
N THR A 124 -21.26 33.84 11.22
CA THR A 124 -22.40 34.76 11.16
C THR A 124 -22.14 35.89 10.13
N VAL A 125 -21.21 35.64 9.21
CA VAL A 125 -20.75 36.66 8.26
C VAL A 125 -20.73 36.12 6.82
N GLY A 126 -21.44 35.02 6.57
CA GLY A 126 -21.45 34.41 5.24
C GLY A 126 -20.23 33.54 4.99
N ASP A 127 -20.09 33.05 3.77
CA ASP A 127 -19.02 32.14 3.40
C ASP A 127 -17.67 32.76 3.78
N PRO A 128 -16.97 32.16 4.76
CA PRO A 128 -15.67 32.67 5.23
C PRO A 128 -14.68 32.97 4.10
N ILE A 129 -14.74 32.18 3.03
CA ILE A 129 -13.91 32.46 1.86
C ILE A 129 -14.23 33.85 1.30
N LEU A 130 -15.51 34.18 1.22
CA LEU A 130 -15.95 35.44 0.64
C LEU A 130 -15.96 36.64 1.61
N ASN A 131 -15.67 36.39 2.88
CA ASN A 131 -15.74 37.44 3.91
C ASN A 131 -14.67 37.17 4.98
N SER A 132 -13.49 36.76 4.50
CA SER A 132 -12.39 36.33 5.35
C SER A 132 -12.14 37.24 6.54
N THR A 133 -12.02 38.55 6.26
CA THR A 133 -11.58 39.50 7.29
C THR A 133 -12.63 39.72 8.37
N TYR A 134 -13.86 39.28 8.13
CA TYR A 134 -14.92 39.43 9.13
C TYR A 134 -15.23 38.13 9.89
N TRP A 135 -14.74 37.00 9.38
CA TRP A 135 -14.98 35.70 10.02
C TRP A 135 -14.21 35.55 11.34
N SER A 136 -14.88 34.96 12.34
CA SER A 136 -14.28 34.79 13.67
C SER A 136 -13.20 33.71 13.70
N GLY A 137 -13.16 32.87 12.68
CA GLY A 137 -12.22 31.75 12.64
C GLY A 137 -12.68 30.58 13.48
N SER A 138 -13.93 30.65 13.95
CA SER A 138 -14.50 29.65 14.87
C SER A 138 -14.92 28.34 14.18
N LEU A 139 -14.45 27.24 14.73
CA LEU A 139 -14.78 25.90 14.23
C LEU A 139 -15.72 25.14 15.18
N MET A 140 -16.18 23.97 14.73
CA MET A 140 -17.10 23.15 15.49
C MET A 140 -17.03 21.71 15.03
N MET A 141 -16.94 20.79 15.97
CA MET A 141 -16.97 19.38 15.61
C MET A 141 -18.28 18.71 16.00
N THR A 142 -18.63 17.67 15.25
CA THR A 142 -19.80 16.86 15.52
C THR A 142 -19.43 15.38 15.43
N ARG A 143 -19.80 14.62 16.45
CA ARG A 143 -19.54 13.18 16.45
C ARG A 143 -20.84 12.38 16.35
N LEU A 144 -21.06 11.77 15.19
CA LEU A 144 -22.25 10.96 14.96
C LEU A 144 -21.92 9.46 14.95
N ALA A 145 -22.67 8.69 15.74
CA ALA A 145 -22.51 7.23 15.80
C ALA A 145 -23.13 6.59 14.56
N VAL A 146 -22.34 5.75 13.89
CA VAL A 146 -22.78 5.10 12.67
C VAL A 146 -23.88 4.07 12.97
N LYS A 147 -23.93 3.63 14.23
CA LYS A 147 -24.98 2.71 14.70
C LYS A 147 -25.58 3.21 16.01
N PRO A 148 -26.55 4.14 15.90
CA PRO A 148 -27.15 4.80 17.05
C PRO A 148 -27.65 3.81 18.11
N LYS A 149 -27.19 4.03 19.35
CA LYS A 149 -27.70 3.34 20.52
C LYS A 149 -29.18 3.71 20.71
N SER A 150 -29.94 2.86 21.39
CA SER A 150 -31.34 3.19 21.69
C SER A 150 -31.47 3.88 23.05
N ASN A 151 -31.84 5.16 23.02
CA ASN A 151 -31.86 6.01 24.23
C ASN A 151 -30.47 6.30 24.83
N GLY A 152 -29.45 6.40 23.98
CA GLY A 152 -28.11 6.73 24.43
C GLY A 152 -27.72 8.13 23.98
N GLY A 153 -28.30 9.14 24.63
CA GLY A 153 -28.14 10.54 24.27
C GLY A 153 -26.82 10.96 23.65
N GLY A 154 -25.77 11.02 24.47
CA GLY A 154 -24.46 11.50 24.07
C GLY A 154 -23.66 10.59 23.15
N TYR A 155 -24.00 9.30 23.14
CA TYR A 155 -23.39 8.37 22.19
C TYR A 155 -23.76 8.78 20.77
N ASN A 156 -25.07 8.79 20.51
CA ASN A 156 -25.63 9.13 19.21
C ASN A 156 -25.08 10.39 18.56
N GLN A 157 -25.24 11.53 19.24
CA GLN A 157 -24.84 12.80 18.67
C GLN A 157 -24.14 13.68 19.70
N HIS A 158 -22.86 13.93 19.50
CA HIS A 158 -22.10 14.79 20.42
C HIS A 158 -21.33 15.89 19.69
N GLN A 159 -21.03 16.98 20.40
CA GLN A 159 -20.39 18.15 19.81
C GLN A 159 -19.44 18.88 20.73
N LEU A 160 -18.16 18.97 20.34
CA LEU A 160 -17.24 19.89 21.00
C LEU A 160 -17.32 21.29 20.38
N ALA A 161 -16.92 22.30 21.14
CA ALA A 161 -16.91 23.69 20.67
C ALA A 161 -15.61 24.00 19.92
N LEU A 162 -14.57 23.21 20.20
CA LEU A 162 -13.23 23.39 19.64
C LEU A 162 -12.47 24.55 20.29
N ARG A 163 -11.87 24.24 21.45
CA ARG A 163 -11.14 25.23 22.24
C ARG A 163 -9.91 25.81 21.54
N SER A 164 -8.77 25.12 21.69
CA SER A 164 -7.52 25.65 21.14
C SER A 164 -7.20 25.14 19.74
N ILE A 165 -6.77 26.08 18.89
CA ILE A 165 -6.44 25.79 17.50
C ILE A 165 -5.01 26.26 17.21
N GLU A 166 -4.15 25.33 16.84
CA GLU A 166 -2.77 25.68 16.45
C GLU A 166 -2.66 26.02 14.96
N LYS A 167 -2.59 27.31 14.67
CA LYS A 167 -2.64 27.77 13.28
C LYS A 167 -1.30 28.35 12.80
N GLY A 168 -0.30 28.38 13.69
CA GLY A 168 1.04 28.83 13.33
C GLY A 168 1.13 30.25 12.79
N ARG A 169 1.80 30.42 11.65
CA ARG A 169 1.86 31.73 10.99
C ARG A 169 0.51 32.22 10.43
N TYR A 170 -0.44 31.30 10.23
CA TYR A 170 -1.74 31.65 9.64
C TYR A 170 -2.66 32.41 10.60
N ASP A 171 -3.47 33.30 10.04
CA ASP A 171 -4.38 34.14 10.83
C ASP A 171 -5.64 33.33 11.21
N LYS A 172 -6.28 32.74 10.21
CA LYS A 172 -7.39 31.82 10.43
C LYS A 172 -7.13 30.50 9.73
N VAL A 173 -7.84 29.46 10.16
CA VAL A 173 -7.68 28.14 9.58
C VAL A 173 -9.03 27.40 9.58
N MET A 174 -9.34 26.69 8.50
CA MET A 174 -10.63 25.99 8.43
C MET A 174 -10.61 24.75 7.54
N PRO A 175 -11.58 23.83 7.75
CA PRO A 175 -11.70 22.63 6.90
C PRO A 175 -12.09 23.05 5.49
N TYR A 176 -11.52 22.39 4.49
CA TYR A 176 -11.81 22.74 3.09
C TYR A 176 -11.75 21.50 2.19
N GLY A 177 -12.84 20.75 2.17
CA GLY A 177 -12.91 19.50 1.40
C GLY A 177 -13.88 18.50 2.03
N PRO A 178 -14.35 17.52 1.23
CA PRO A 178 -15.40 16.63 1.73
C PRO A 178 -14.94 15.72 2.88
N SER A 179 -13.72 15.19 2.79
CA SER A 179 -13.35 14.07 3.65
C SER A 179 -11.84 13.78 3.79
N GLY A 180 -11.50 13.21 4.94
CA GLY A 180 -10.12 12.89 5.23
C GLY A 180 -9.93 11.47 5.73
N ILE A 181 -8.85 11.27 6.47
CA ILE A 181 -8.47 9.95 6.98
C ILE A 181 -8.23 9.96 8.48
N LYS A 182 -8.06 8.75 9.02
CA LYS A 182 -7.65 8.56 10.40
C LYS A 182 -6.38 7.73 10.33
N GLN A 183 -5.47 8.01 11.26
CA GLN A 183 -4.31 7.18 11.50
C GLN A 183 -4.37 6.91 13.01
N GLY A 184 -4.69 5.66 13.37
CA GLY A 184 -4.94 5.33 14.76
C GLY A 184 -6.12 6.14 15.31
N ASP A 185 -5.82 7.04 16.25
CA ASP A 185 -6.86 7.89 16.85
C ASP A 185 -6.61 9.35 16.53
N THR A 186 -5.78 9.60 15.53
CA THR A 186 -5.55 10.94 15.02
C THR A 186 -6.31 11.17 13.72
N LEU A 187 -7.07 12.26 13.66
CA LEU A 187 -7.90 12.56 12.50
C LEU A 187 -7.22 13.59 11.59
N TYR A 188 -7.35 13.40 10.28
CA TYR A 188 -6.80 14.34 9.29
C TYR A 188 -7.88 14.82 8.31
N PHE A 189 -8.37 16.02 8.55
CA PHE A 189 -9.33 16.67 7.66
C PHE A 189 -8.60 17.48 6.58
N PRO A 190 -9.17 17.54 5.37
CA PRO A 190 -8.65 18.52 4.42
C PRO A 190 -8.95 19.91 4.96
N ALA A 191 -7.96 20.80 4.89
CA ALA A 191 -8.15 22.16 5.39
C ALA A 191 -7.39 23.22 4.57
N VAL A 192 -7.73 24.48 4.80
CA VAL A 192 -7.03 25.59 4.17
C VAL A 192 -6.59 26.61 5.23
N GLY A 193 -5.44 27.25 4.99
CA GLY A 193 -4.96 28.30 5.86
C GLY A 193 -5.12 29.69 5.25
N PHE A 194 -5.68 30.60 6.03
CA PHE A 194 -5.76 32.01 5.65
C PHE A 194 -4.49 32.75 6.10
N LEU A 195 -3.64 33.07 5.14
CA LEU A 195 -2.40 33.79 5.42
C LEU A 195 -2.52 35.24 4.96
N VAL A 196 -2.15 36.17 5.83
CA VAL A 196 -2.12 37.58 5.43
C VAL A 196 -1.23 37.73 4.17
N ARG A 197 -1.79 38.35 3.14
CA ARG A 197 -1.17 38.37 1.82
C ARG A 197 0.24 38.95 1.86
N THR A 198 0.40 39.99 2.67
CA THR A 198 1.66 40.72 2.77
C THR A 198 2.75 39.95 3.50
N GLU A 199 2.38 38.83 4.14
CA GLU A 199 3.36 37.99 4.83
C GLU A 199 3.63 36.70 4.05
N PHE A 200 2.87 36.50 2.97
CA PHE A 200 3.13 35.39 2.07
C PHE A 200 4.56 35.48 1.56
N LYS A 201 5.17 34.32 1.34
CA LYS A 201 6.59 34.23 1.04
C LYS A 201 6.78 33.54 -0.31
N TYR A 202 7.04 34.33 -1.35
CA TYR A 202 7.08 33.78 -2.71
C TYR A 202 8.09 34.50 -3.60
N ASN A 203 9.04 33.73 -4.13
CA ASN A 203 10.00 34.24 -5.10
C ASN A 203 9.33 34.23 -6.48
N ASP A 204 8.86 35.39 -6.92
CA ASP A 204 8.11 35.50 -8.18
C ASP A 204 8.72 34.74 -9.36
N SER A 205 10.04 34.58 -9.35
CA SER A 205 10.73 33.91 -10.45
C SER A 205 10.50 32.40 -10.45
N ASN A 206 9.73 31.92 -9.48
CA ASN A 206 9.33 30.51 -9.45
C ASN A 206 8.08 30.23 -10.30
N CYS A 207 7.39 31.29 -10.72
CA CYS A 207 6.25 31.17 -11.61
C CYS A 207 6.74 30.70 -12.98
N PRO A 208 6.28 29.51 -13.41
CA PRO A 208 6.75 28.83 -14.62
C PRO A 208 6.16 29.45 -15.89
N ILE A 209 6.89 30.42 -16.46
CA ILE A 209 6.41 31.19 -17.60
C ILE A 209 7.07 30.73 -18.91
N THR A 210 8.14 29.96 -18.75
CA THR A 210 9.08 29.64 -19.84
C THR A 210 8.50 29.45 -21.26
N LYS A 211 7.33 28.81 -21.38
CA LYS A 211 6.71 28.64 -22.70
C LYS A 211 5.39 29.41 -22.88
N CYS A 212 5.14 30.36 -21.99
CA CYS A 212 3.86 31.07 -21.97
C CYS A 212 4.01 32.58 -22.21
N GLN A 213 3.93 33.00 -23.47
CA GLN A 213 3.86 34.44 -23.75
C GLN A 213 2.52 34.95 -23.21
N TYR A 214 2.53 36.13 -22.60
CA TYR A 214 1.33 36.71 -21.97
C TYR A 214 1.25 36.35 -20.50
N SER A 215 2.15 35.47 -20.05
CA SER A 215 2.22 35.14 -18.63
C SER A 215 3.27 36.03 -17.99
N LYS A 216 2.95 36.63 -16.85
CA LYS A 216 3.90 37.41 -16.08
C LYS A 216 4.25 36.69 -14.78
N PRO A 217 5.50 36.85 -14.31
CA PRO A 217 6.01 36.15 -13.12
C PRO A 217 5.18 36.42 -11.85
N GLU A 218 4.49 37.55 -11.82
CA GLU A 218 3.66 37.91 -10.68
C GLU A 218 2.34 37.13 -10.62
N ASN A 219 2.01 36.44 -11.72
CA ASN A 219 0.75 35.70 -11.82
C ASN A 219 0.48 34.67 -10.70
N CYS A 220 1.45 33.83 -10.38
CA CYS A 220 1.25 32.77 -9.39
C CYS A 220 0.95 33.35 -8.01
N ARG A 221 1.77 34.32 -7.61
CA ARG A 221 1.62 34.97 -6.30
C ARG A 221 0.28 35.72 -6.16
N LEU A 222 -0.20 36.28 -7.25
CA LEU A 222 -1.47 37.01 -7.24
C LEU A 222 -2.66 36.05 -7.30
N SER A 223 -2.42 34.85 -7.83
CA SER A 223 -3.50 33.87 -7.99
C SER A 223 -3.70 33.06 -6.72
N MET A 224 -2.92 33.37 -5.68
CA MET A 224 -2.99 32.60 -4.44
C MET A 224 -4.11 33.08 -3.52
N GLY A 225 -4.76 34.18 -3.88
CA GLY A 225 -5.93 34.68 -3.18
C GLY A 225 -7.10 34.75 -4.14
N ILE A 226 -8.33 34.81 -3.63
CA ILE A 226 -9.51 34.79 -4.51
C ILE A 226 -9.50 35.96 -5.51
N ARG A 227 -8.79 37.03 -5.13
CA ARG A 227 -8.58 38.19 -6.00
C ARG A 227 -7.11 38.58 -5.86
N PRO A 228 -6.59 39.38 -6.80
CA PRO A 228 -5.19 39.82 -6.67
C PRO A 228 -5.02 40.74 -5.46
N ASN A 229 -6.13 41.31 -4.99
CA ASN A 229 -6.10 42.21 -3.84
C ASN A 229 -6.83 41.66 -2.63
N SER A 230 -7.01 40.34 -2.59
CA SER A 230 -7.53 39.72 -1.38
C SER A 230 -6.59 40.04 -0.22
N HIS A 231 -7.16 40.19 0.97
CA HIS A 231 -6.34 40.46 2.14
C HIS A 231 -5.53 39.22 2.53
N TYR A 232 -6.09 38.05 2.25
CA TYR A 232 -5.40 36.80 2.57
C TYR A 232 -5.00 36.08 1.29
N ILE A 233 -4.10 35.11 1.45
CA ILE A 233 -3.97 34.06 0.44
C ILE A 233 -4.41 32.73 1.08
N LEU A 234 -4.72 31.75 0.25
CA LEU A 234 -5.18 30.46 0.75
C LEU A 234 -4.10 29.39 0.57
N ARG A 235 -3.69 28.78 1.67
CA ARG A 235 -2.78 27.65 1.58
C ARG A 235 -3.55 26.40 2.02
N SER A 236 -3.71 25.45 1.11
CA SER A 236 -4.32 24.17 1.50
C SER A 236 -3.40 23.36 2.44
N GLY A 237 -3.99 22.44 3.19
CA GLY A 237 -3.23 21.52 4.00
C GLY A 237 -4.16 20.56 4.74
N LEU A 238 -3.80 20.22 5.97
CA LEU A 238 -4.63 19.36 6.82
C LEU A 238 -4.88 19.97 8.20
N LEU A 239 -5.99 19.58 8.81
CA LEU A 239 -6.18 19.79 10.22
C LEU A 239 -6.03 18.44 10.94
N LYS A 240 -5.01 18.35 11.79
CA LYS A 240 -4.74 17.16 12.57
C LYS A 240 -5.53 17.24 13.87
N TYR A 241 -6.10 16.13 14.32
CA TYR A 241 -6.91 16.13 15.53
C TYR A 241 -6.77 14.84 16.31
N ASN A 242 -5.91 14.85 17.35
CA ASN A 242 -5.70 13.65 18.14
C ASN A 242 -6.79 13.44 19.18
N LEU A 243 -7.43 12.27 19.10
CA LEU A 243 -8.51 11.92 20.02
C LEU A 243 -7.97 11.58 21.40
N SER A 244 -6.76 11.00 21.42
CA SER A 244 -6.12 10.56 22.67
C SER A 244 -5.50 11.72 23.47
N ASP A 245 -5.77 12.95 23.04
CA ASP A 245 -5.16 14.14 23.62
C ASP A 245 -6.13 14.92 24.52
N GLY A 246 -6.63 14.27 25.57
CA GLY A 246 -7.61 14.90 26.44
C GLY A 246 -9.05 14.77 25.97
N GLU A 247 -9.96 15.45 26.68
CA GLU A 247 -11.38 15.52 26.31
C GLU A 247 -11.59 16.80 25.50
N ASN A 248 -10.51 17.58 25.42
CA ASN A 248 -10.47 18.84 24.71
C ASN A 248 -9.25 18.88 23.79
N PRO A 249 -9.22 17.98 22.78
CA PRO A 249 -8.05 17.87 21.88
C PRO A 249 -7.77 19.12 21.04
N LYS A 250 -6.55 19.14 20.52
CA LYS A 250 -5.95 20.29 19.88
C LYS A 250 -5.98 20.13 18.35
N VAL A 251 -6.66 21.05 17.64
CA VAL A 251 -6.55 21.08 16.19
C VAL A 251 -5.25 21.75 15.75
N VAL A 252 -4.50 21.08 14.89
CA VAL A 252 -3.26 21.64 14.39
C VAL A 252 -3.23 21.66 12.87
N PHE A 253 -2.94 22.83 12.31
CA PHE A 253 -2.91 22.99 10.86
C PHE A 253 -1.53 22.64 10.30
N ILE A 254 -1.54 21.75 9.31
CA ILE A 254 -0.37 21.39 8.52
C ILE A 254 -0.55 21.96 7.11
N GLU A 255 0.35 22.87 6.71
CA GLU A 255 0.30 23.42 5.35
C GLU A 255 0.90 22.45 4.33
N ILE A 256 0.48 22.58 3.08
CA ILE A 256 0.97 21.69 2.03
C ILE A 256 2.31 22.17 1.47
N SER A 257 3.16 21.22 1.08
CA SER A 257 4.42 21.50 0.40
C SER A 257 4.23 22.50 -0.75
N ASP A 258 5.28 23.27 -1.05
CA ASP A 258 5.19 24.28 -2.12
C ASP A 258 5.47 23.73 -3.55
N GLN A 259 5.68 22.43 -3.66
CA GLN A 259 5.74 21.78 -4.97
C GLN A 259 4.37 21.89 -5.62
N ARG A 260 4.35 22.14 -6.92
CA ARG A 260 3.11 22.39 -7.66
C ARG A 260 2.05 23.08 -6.80
N LEU A 261 2.36 24.29 -6.34
CA LEU A 261 1.48 25.04 -5.45
C LEU A 261 0.35 25.72 -6.24
N SER A 262 -0.89 25.60 -5.75
CA SER A 262 -2.04 26.31 -6.33
C SER A 262 -2.84 26.95 -5.21
N ILE A 263 -3.75 27.84 -5.55
CA ILE A 263 -4.56 28.50 -4.52
C ILE A 263 -5.34 27.44 -3.70
N GLY A 264 -5.20 27.50 -2.38
CA GLY A 264 -5.95 26.63 -1.49
C GLY A 264 -7.38 26.43 -1.98
N SER A 265 -7.78 25.17 -2.11
CA SER A 265 -9.10 24.86 -2.63
C SER A 265 -9.63 23.60 -1.97
N PRO A 266 -10.95 23.37 -2.08
CA PRO A 266 -11.54 22.12 -1.57
C PRO A 266 -10.72 20.91 -2.00
N SER A 267 -10.27 20.16 -1.01
CA SER A 267 -9.39 19.01 -1.24
C SER A 267 -9.91 17.77 -0.50
N LYS A 268 -9.22 16.66 -0.70
CA LYS A 268 -9.63 15.37 -0.15
C LYS A 268 -8.39 14.53 0.10
N ILE A 269 -8.21 14.04 1.33
CA ILE A 269 -7.22 12.98 1.55
C ILE A 269 -7.95 11.67 1.85
N TYR A 270 -7.45 10.59 1.24
CA TYR A 270 -8.13 9.31 1.34
C TYR A 270 -7.20 8.09 1.25
N ASP A 271 -7.57 7.03 1.96
CA ASP A 271 -6.84 5.78 1.92
C ASP A 271 -7.28 4.94 0.71
N SER A 272 -6.33 4.62 -0.15
CA SER A 272 -6.61 3.67 -1.20
C SER A 272 -5.50 2.62 -1.27
N LEU A 273 -5.89 1.35 -1.21
CA LEU A 273 -4.94 0.25 -1.28
C LEU A 273 -3.82 0.37 -0.23
N GLY A 274 -4.21 0.83 0.98
CA GLY A 274 -3.33 0.90 2.13
C GLY A 274 -2.30 2.02 2.16
N GLN A 275 -2.52 3.04 1.35
CA GLN A 275 -1.69 4.24 1.37
C GLN A 275 -2.53 5.47 1.06
N PRO A 276 -2.31 6.56 1.82
CA PRO A 276 -3.07 7.81 1.67
C PRO A 276 -2.80 8.51 0.33
N VAL A 277 -3.85 9.13 -0.21
CA VAL A 277 -3.77 9.87 -1.47
C VAL A 277 -4.41 11.25 -1.27
N PHE A 278 -3.77 12.28 -1.82
CA PHE A 278 -4.30 13.65 -1.72
C PHE A 278 -4.81 14.15 -3.07
N TYR A 279 -5.94 14.85 -3.03
CA TYR A 279 -6.48 15.50 -4.23
C TYR A 279 -6.76 16.96 -3.88
N GLN A 280 -6.32 17.86 -4.76
CA GLN A 280 -6.67 19.28 -4.62
C GLN A 280 -7.46 19.78 -5.84
N ALA A 281 -8.60 20.43 -5.57
CA ALA A 281 -9.40 21.02 -6.65
C ALA A 281 -8.58 22.12 -7.34
N SER A 282 -8.77 22.28 -8.64
CA SER A 282 -7.97 23.24 -9.38
C SER A 282 -8.76 24.53 -9.61
N PHE A 283 -8.58 25.48 -8.70
CA PHE A 283 -9.40 26.69 -8.69
C PHE A 283 -8.68 27.91 -9.24
N SER A 284 -7.59 27.68 -9.98
CA SER A 284 -7.00 28.72 -10.82
C SER A 284 -6.37 28.19 -12.13
N TRP A 285 -5.16 28.65 -12.43
CA TRP A 285 -4.54 28.45 -13.74
C TRP A 285 -3.94 27.05 -13.97
N ASP A 286 -3.77 26.29 -12.89
CA ASP A 286 -3.27 24.91 -12.99
C ASP A 286 -4.45 23.94 -13.09
N THR A 287 -4.93 23.75 -14.31
CA THR A 287 -6.24 23.15 -14.55
C THR A 287 -6.20 21.65 -14.84
N MET A 288 -5.00 21.08 -14.96
CA MET A 288 -4.87 19.63 -15.03
C MET A 288 -5.04 19.06 -13.63
N ILE A 289 -5.48 17.81 -13.53
CA ILE A 289 -5.81 17.23 -12.23
C ILE A 289 -4.61 17.21 -11.26
N LYS A 290 -4.85 17.68 -10.04
CA LYS A 290 -3.82 17.69 -9.00
C LYS A 290 -4.14 16.67 -7.92
N PHE A 291 -3.50 15.50 -8.03
CA PHE A 291 -3.60 14.50 -6.97
C PHE A 291 -2.43 13.51 -7.04
N GLY A 292 -2.29 12.68 -6.02
CA GLY A 292 -1.23 11.68 -6.03
C GLY A 292 -0.96 11.11 -4.65
N ASP A 293 0.09 10.30 -4.58
CA ASP A 293 0.47 9.64 -3.33
C ASP A 293 0.96 10.66 -2.29
N VAL A 294 0.47 10.55 -1.07
CA VAL A 294 1.03 11.32 0.02
C VAL A 294 2.35 10.67 0.45
N LEU A 295 3.46 11.35 0.19
CA LEU A 295 4.78 10.87 0.61
C LEU A 295 4.89 10.92 2.14
N THR A 296 4.49 12.03 2.72
CA THR A 296 4.45 12.13 4.17
C THR A 296 3.38 13.11 4.67
N VAL A 297 3.04 13.02 5.96
CA VAL A 297 1.86 13.70 6.50
C VAL A 297 2.15 14.91 7.39
N ASN A 298 2.87 14.72 8.48
CA ASN A 298 3.00 15.79 9.48
C ASN A 298 3.95 16.91 9.08
N PRO A 299 4.82 16.62 8.09
CA PRO A 299 5.12 17.59 7.03
C PRO A 299 4.37 17.07 5.77
N LEU A 300 3.31 17.76 5.36
CA LEU A 300 2.49 17.26 4.24
C LEU A 300 3.15 17.50 2.87
N VAL A 301 3.47 16.42 2.17
CA VAL A 301 4.06 16.52 0.82
C VAL A 301 3.51 15.47 -0.15
N VAL A 302 2.86 15.93 -1.22
CA VAL A 302 2.18 15.05 -2.17
C VAL A 302 2.95 14.87 -3.49
N ASN A 303 3.12 13.61 -3.87
CA ASN A 303 3.78 13.20 -5.11
C ASN A 303 2.78 13.28 -6.26
N TRP A 304 2.46 14.52 -6.67
CA TRP A 304 1.46 14.79 -7.70
C TRP A 304 1.71 13.97 -8.96
N ARG A 305 0.64 13.35 -9.47
CA ARG A 305 0.73 12.64 -10.74
C ARG A 305 1.04 13.63 -11.84
N ASN A 306 1.95 13.25 -12.74
CA ASN A 306 2.18 14.02 -13.95
C ASN A 306 1.10 13.66 -14.99
N ASN A 307 -0.15 13.99 -14.65
CA ASN A 307 -1.34 13.63 -15.43
C ASN A 307 -1.70 14.67 -16.49
N THR A 308 -1.90 14.19 -17.72
CA THR A 308 -1.96 15.07 -18.87
C THR A 308 -3.26 14.93 -19.65
N VAL A 309 -4.23 14.24 -19.06
CA VAL A 309 -5.48 13.95 -19.77
C VAL A 309 -6.72 14.39 -19.01
N ILE A 310 -6.62 14.61 -17.70
CA ILE A 310 -7.80 15.07 -16.97
C ILE A 310 -7.66 16.55 -16.56
N SER A 311 -8.75 17.30 -16.72
CA SER A 311 -8.82 18.72 -16.35
C SER A 311 -10.24 19.05 -15.85
N ARG A 312 -10.57 20.33 -15.70
CA ARG A 312 -11.95 20.73 -15.35
C ARG A 312 -12.39 22.04 -16.00
N PRO A 313 -13.71 22.18 -16.22
CA PRO A 313 -14.28 23.41 -16.81
C PRO A 313 -13.93 24.62 -15.96
N GLY A 314 -13.18 25.57 -16.54
CA GLY A 314 -12.98 26.86 -15.92
C GLY A 314 -13.85 27.88 -16.63
N GLN A 315 -13.43 29.14 -16.62
CA GLN A 315 -14.05 30.15 -17.47
C GLN A 315 -12.99 30.78 -18.37
N SER A 316 -13.19 32.02 -18.80
CA SER A 316 -12.33 32.62 -19.83
C SER A 316 -10.82 32.50 -19.55
N GLN A 317 -10.35 33.09 -18.45
CA GLN A 317 -8.90 33.12 -18.19
C GLN A 317 -8.29 31.74 -18.08
N CYS A 318 -8.91 30.87 -17.31
CA CYS A 318 -8.34 29.58 -17.00
C CYS A 318 -9.30 28.45 -17.29
N PRO A 319 -9.64 28.27 -18.58
CA PRO A 319 -10.63 27.30 -19.04
C PRO A 319 -10.04 25.91 -18.92
N ARG A 320 -10.82 24.89 -19.32
CA ARG A 320 -10.34 23.52 -19.24
C ARG A 320 -9.09 23.37 -20.09
N PHE A 321 -8.06 22.75 -19.51
CA PHE A 321 -6.80 22.42 -20.20
C PHE A 321 -5.73 23.51 -20.13
N ASN A 322 -6.10 24.69 -19.67
CA ASN A 322 -5.13 25.76 -19.47
C ASN A 322 -3.98 25.25 -18.58
N THR A 323 -2.74 25.54 -18.96
CA THR A 323 -1.58 25.11 -18.18
C THR A 323 -0.69 26.30 -17.80
N CYS A 324 -0.95 27.44 -18.45
CA CYS A 324 -0.13 28.64 -18.28
C CYS A 324 -0.57 29.49 -17.09
N PRO A 325 0.40 29.96 -16.28
CA PRO A 325 0.05 30.81 -15.13
C PRO A 325 -0.73 32.05 -15.55
N GLU A 326 -1.96 32.18 -15.04
CA GLU A 326 -2.76 33.39 -15.25
C GLU A 326 -3.20 33.91 -13.89
N ILE A 327 -3.97 35.00 -13.89
CA ILE A 327 -4.56 35.54 -12.67
C ILE A 327 -6.04 35.19 -12.63
N CYS A 328 -6.38 34.12 -11.90
CA CYS A 328 -7.77 33.67 -11.88
C CYS A 328 -8.08 32.82 -10.66
N TRP A 329 -9.38 32.77 -10.36
CA TRP A 329 -9.95 31.94 -9.31
C TRP A 329 -11.27 31.44 -9.87
N GLU A 330 -11.30 30.17 -10.24
CA GLU A 330 -12.44 29.59 -10.94
C GLU A 330 -12.18 28.11 -11.22
N GLY A 331 -13.25 27.33 -11.27
CA GLY A 331 -13.17 25.89 -11.55
C GLY A 331 -14.27 25.12 -10.85
N VAL A 332 -14.15 23.79 -10.82
CA VAL A 332 -15.11 22.96 -10.08
C VAL A 332 -14.36 21.81 -9.42
N TYR A 333 -14.95 21.29 -8.34
CA TYR A 333 -14.39 20.13 -7.63
C TYR A 333 -14.89 18.83 -8.27
N ASN A 334 -13.97 18.11 -8.92
CA ASN A 334 -14.26 16.85 -9.60
C ASN A 334 -13.23 15.82 -9.19
N ASP A 335 -13.29 15.31 -7.96
CA ASP A 335 -12.22 14.43 -7.48
C ASP A 335 -12.13 13.08 -8.20
N ALA A 336 -11.02 12.37 -7.98
CA ALA A 336 -10.77 11.07 -8.57
C ALA A 336 -10.25 10.10 -7.51
N PHE A 337 -10.46 8.81 -7.74
CA PHE A 337 -10.12 7.80 -6.76
C PHE A 337 -9.18 6.78 -7.37
N LEU A 338 -8.05 6.53 -6.69
CA LEU A 338 -7.12 5.50 -7.14
C LEU A 338 -7.76 4.12 -6.94
N ILE A 339 -7.65 3.28 -7.97
CA ILE A 339 -8.26 1.95 -7.91
C ILE A 339 -7.24 0.83 -8.16
N ASP A 340 -6.09 1.19 -8.72
CA ASP A 340 -4.99 0.25 -8.93
C ASP A 340 -3.65 0.98 -8.84
N ARG A 341 -2.92 0.75 -7.74
CA ARG A 341 -1.67 1.48 -7.53
C ARG A 341 -0.50 0.95 -8.36
N ILE A 342 -0.53 -0.35 -8.67
CA ILE A 342 0.55 -0.93 -9.46
C ILE A 342 0.60 -0.30 -10.85
N ASN A 343 -0.57 -0.03 -11.42
CA ASN A 343 -0.67 0.61 -12.73
C ASN A 343 -0.99 2.11 -12.62
N TRP A 344 -1.25 2.57 -11.38
CA TRP A 344 -1.82 3.89 -11.14
C TRP A 344 -2.96 4.23 -12.08
N ILE A 345 -4.05 3.48 -11.93
CA ILE A 345 -5.29 3.72 -12.64
C ILE A 345 -6.32 4.29 -11.67
N SER A 346 -7.02 5.34 -12.09
CA SER A 346 -8.00 6.00 -11.23
C SER A 346 -9.35 6.24 -11.92
N ALA A 347 -10.36 6.54 -11.12
CA ALA A 347 -11.69 6.76 -11.63
C ALA A 347 -12.33 8.00 -11.00
N GLY A 348 -13.08 8.74 -11.80
CA GLY A 348 -13.77 9.93 -11.32
C GLY A 348 -14.84 10.35 -12.30
N VAL A 349 -15.71 11.26 -11.86
CA VAL A 349 -16.69 11.84 -12.78
C VAL A 349 -16.25 13.25 -13.18
N PHE A 350 -16.11 13.46 -14.49
CA PHE A 350 -15.58 14.72 -14.95
C PHE A 350 -16.53 15.38 -15.94
N LEU A 351 -16.60 16.70 -15.88
CA LEU A 351 -17.47 17.48 -16.76
C LEU A 351 -16.78 17.69 -18.12
N ASP A 352 -17.42 17.19 -19.17
CA ASP A 352 -16.83 17.23 -20.51
C ASP A 352 -17.21 18.54 -21.20
N SER A 353 -16.51 19.60 -20.82
CA SER A 353 -16.79 20.96 -21.29
C SER A 353 -15.69 21.95 -20.86
N ASN A 354 -15.35 22.91 -21.72
CA ASN A 354 -14.25 23.84 -21.40
C ASN A 354 -14.57 24.88 -20.34
N GLN A 355 -15.71 25.55 -20.51
CA GLN A 355 -16.06 26.70 -19.68
C GLN A 355 -17.46 26.63 -19.09
N THR A 356 -18.11 25.48 -19.26
CA THR A 356 -19.47 25.34 -18.73
C THR A 356 -19.70 24.03 -17.93
N ALA A 357 -20.47 24.15 -16.84
CA ALA A 357 -20.75 23.01 -15.94
C ALA A 357 -21.84 22.07 -16.49
N GLU A 358 -21.40 21.09 -17.28
CA GLU A 358 -22.31 20.13 -17.92
C GLU A 358 -21.58 18.92 -18.53
N ASN A 359 -22.34 17.89 -18.85
CA ASN A 359 -21.83 16.66 -19.47
C ASN A 359 -20.90 15.84 -18.57
N PRO A 360 -21.47 15.28 -17.50
CA PRO A 360 -20.79 14.47 -16.48
C PRO A 360 -20.48 13.08 -17.02
N VAL A 361 -19.21 12.79 -17.20
CA VAL A 361 -18.81 11.49 -17.72
C VAL A 361 -18.00 10.73 -16.68
N PHE A 362 -18.49 9.55 -16.31
CA PHE A 362 -17.71 8.68 -15.44
C PHE A 362 -16.54 8.13 -16.25
N THR A 363 -15.33 8.31 -15.73
CA THR A 363 -14.14 7.96 -16.50
C THR A 363 -13.02 7.28 -15.69
N VAL A 364 -12.39 6.32 -16.35
CA VAL A 364 -11.27 5.55 -15.81
C VAL A 364 -10.03 5.85 -16.66
N PHE A 365 -8.88 6.08 -15.99
CA PHE A 365 -7.69 6.60 -16.66
C PHE A 365 -6.34 6.32 -16.01
N LYS A 366 -5.29 6.43 -16.82
CA LYS A 366 -3.90 6.50 -16.35
C LYS A 366 -3.38 7.92 -16.61
N ASP A 367 -2.13 8.17 -16.23
CA ASP A 367 -1.54 9.50 -16.32
C ASP A 367 -1.66 10.13 -17.70
N ASN A 368 -1.52 9.33 -18.75
CA ASN A 368 -1.49 9.86 -20.12
C ASN A 368 -2.51 9.20 -21.07
N GLU A 369 -3.48 8.48 -20.50
CA GLU A 369 -4.48 7.75 -21.28
C GLU A 369 -5.80 7.73 -20.53
N ILE A 370 -6.90 7.94 -21.25
CA ILE A 370 -8.20 7.54 -20.71
C ILE A 370 -8.47 6.10 -21.18
N LEU A 371 -8.74 5.21 -20.23
CA LEU A 371 -8.92 3.80 -20.55
C LEU A 371 -10.30 3.54 -21.13
N TYR A 372 -11.33 3.98 -20.39
CA TYR A 372 -12.71 3.83 -20.81
C TYR A 372 -13.63 4.69 -19.94
N ARG A 373 -14.85 4.91 -20.41
CA ARG A 373 -15.74 5.86 -19.75
C ARG A 373 -17.22 5.61 -20.05
N ALA A 374 -18.08 6.36 -19.38
CA ALA A 374 -19.52 6.26 -19.59
C ALA A 374 -20.16 7.60 -19.25
N GLN A 375 -20.87 8.17 -20.23
CA GLN A 375 -21.66 9.36 -20.00
C GLN A 375 -22.79 9.02 -19.02
N LEU A 376 -22.84 9.72 -17.89
CA LEU A 376 -23.91 9.48 -16.94
C LEU A 376 -25.25 10.01 -17.46
N ALA A 377 -25.21 10.96 -18.40
CA ALA A 377 -26.45 11.54 -18.93
C ALA A 377 -26.30 12.12 -20.33
N SER A 378 -27.05 13.18 -20.61
CA SER A 378 -27.05 13.83 -21.92
C SER A 378 -25.94 14.88 -22.03
N GLU A 379 -25.56 15.17 -23.28
CA GLU A 379 -24.48 16.11 -23.59
C GLU A 379 -24.67 17.48 -22.93
N ASP A 380 -25.91 17.98 -22.93
CA ASP A 380 -26.18 19.28 -22.30
C ASP A 380 -26.92 19.15 -20.97
N THR A 381 -26.56 18.14 -20.18
CA THR A 381 -27.09 18.03 -18.83
C THR A 381 -26.17 18.78 -17.89
N ASN A 382 -26.74 19.60 -17.01
CA ASN A 382 -25.98 20.38 -16.04
C ASN A 382 -25.38 19.53 -14.93
N ALA A 383 -24.11 19.75 -14.61
CA ALA A 383 -23.49 19.03 -13.49
C ALA A 383 -22.37 19.86 -12.89
N GLN A 384 -22.10 19.65 -11.60
CA GLN A 384 -21.10 20.48 -10.93
C GLN A 384 -20.10 19.67 -10.10
N LYS A 385 -20.28 19.70 -8.77
CA LYS A 385 -19.33 18.98 -7.93
C LYS A 385 -19.53 17.47 -8.05
N THR A 386 -18.42 16.74 -8.10
CA THR A 386 -18.48 15.29 -8.07
C THR A 386 -17.49 14.72 -7.05
N ILE A 387 -18.01 13.87 -6.17
CA ILE A 387 -17.19 13.15 -5.19
C ILE A 387 -17.31 11.63 -5.39
N THR A 388 -16.20 10.98 -5.72
CA THR A 388 -16.18 9.55 -5.99
C THR A 388 -15.39 8.77 -4.94
N ASN A 389 -16.01 7.73 -4.38
CA ASN A 389 -15.30 6.79 -3.49
C ASN A 389 -15.38 5.35 -3.99
N CYS A 390 -14.25 4.64 -3.90
CA CYS A 390 -14.19 3.25 -4.35
C CYS A 390 -13.91 2.29 -3.20
N PHE A 391 -14.35 1.04 -3.39
CA PHE A 391 -14.30 0.03 -2.34
C PHE A 391 -14.48 -1.36 -2.94
N LEU A 392 -14.65 -2.34 -2.05
CA LEU A 392 -14.79 -3.72 -2.47
C LEU A 392 -16.12 -4.32 -2.01
N LEU A 393 -16.75 -5.06 -2.93
CA LEU A 393 -17.94 -5.85 -2.64
C LEU A 393 -17.73 -7.23 -3.25
N LYS A 394 -17.42 -8.21 -2.41
CA LYS A 394 -17.06 -9.55 -2.88
C LYS A 394 -15.80 -9.47 -3.74
N ASN A 395 -14.76 -8.91 -3.13
CA ASN A 395 -13.46 -8.67 -3.77
C ASN A 395 -13.56 -8.11 -5.18
N LYS A 396 -14.59 -7.30 -5.43
CA LYS A 396 -14.77 -6.64 -6.72
C LYS A 396 -14.89 -5.14 -6.49
N ILE A 397 -14.14 -4.35 -7.27
CA ILE A 397 -14.14 -2.89 -7.14
C ILE A 397 -15.45 -2.20 -7.57
N TRP A 398 -16.01 -1.41 -6.65
CA TRP A 398 -17.20 -0.62 -6.93
C TRP A 398 -16.90 0.84 -6.62
N CYS A 399 -17.47 1.74 -7.42
CA CYS A 399 -17.35 3.16 -7.16
C CYS A 399 -18.72 3.76 -6.93
N ILE A 400 -18.81 4.68 -5.99
CA ILE A 400 -20.03 5.44 -5.82
C ILE A 400 -19.73 6.94 -5.91
N SER A 401 -20.26 7.57 -6.96
CA SER A 401 -20.05 8.99 -7.20
C SER A 401 -21.28 9.82 -6.83
N LEU A 402 -21.05 10.88 -6.06
CA LEU A 402 -22.09 11.86 -5.80
C LEU A 402 -21.91 12.96 -6.84
N VAL A 403 -22.89 13.05 -7.74
CA VAL A 403 -22.83 14.03 -8.81
C VAL A 403 -23.96 15.07 -8.67
N GLU A 404 -23.58 16.34 -8.59
CA GLU A 404 -24.55 17.43 -8.69
C GLU A 404 -25.07 17.43 -10.12
N ILE A 405 -26.39 17.39 -10.29
CA ILE A 405 -26.91 17.12 -11.63
C ILE A 405 -28.40 17.41 -11.80
N TYR A 406 -28.71 18.05 -12.92
CA TYR A 406 -30.09 18.24 -13.34
C TYR A 406 -30.11 18.64 -14.80
N ASP A 407 -31.26 18.53 -15.44
CA ASP A 407 -31.42 19.15 -16.74
C ASP A 407 -32.63 20.08 -16.78
N THR A 408 -32.42 21.20 -17.49
CA THR A 408 -33.31 22.35 -17.46
C THR A 408 -34.80 22.01 -17.61
N GLY A 409 -35.58 22.47 -16.65
CA GLY A 409 -36.99 22.13 -16.60
C GLY A 409 -37.40 21.53 -15.27
N ASP A 410 -36.67 20.50 -14.82
CA ASP A 410 -37.10 19.76 -13.62
C ASP A 410 -37.10 20.61 -12.34
N ASN A 411 -37.98 20.19 -11.41
CA ASN A 411 -38.54 21.05 -10.37
C ASN A 411 -37.65 21.20 -9.13
N VAL A 412 -37.18 20.07 -8.62
CA VAL A 412 -36.22 20.10 -7.52
C VAL A 412 -34.83 19.72 -8.04
N ILE A 413 -33.86 20.61 -7.84
CA ILE A 413 -32.47 20.34 -8.20
C ILE A 413 -31.75 19.69 -7.03
N ARG A 414 -31.34 18.43 -7.20
CA ARG A 414 -30.61 17.72 -6.14
C ARG A 414 -29.49 16.85 -6.70
N PRO A 415 -28.47 16.56 -5.88
CA PRO A 415 -27.37 15.67 -6.29
C PRO A 415 -27.83 14.21 -6.38
N LYS A 416 -27.15 13.40 -7.18
CA LYS A 416 -27.56 12.03 -7.36
C LYS A 416 -26.40 11.05 -7.13
N LEU A 417 -26.75 9.82 -6.76
CA LEU A 417 -25.75 8.78 -6.50
C LEU A 417 -25.64 7.82 -7.68
N PHE A 418 -24.41 7.51 -8.06
CA PHE A 418 -24.19 6.53 -9.12
C PHE A 418 -23.28 5.42 -8.61
N ALA A 419 -23.71 4.18 -8.79
CA ALA A 419 -22.84 3.06 -8.49
C ALA A 419 -22.24 2.55 -9.79
N VAL A 420 -20.92 2.39 -9.82
CA VAL A 420 -20.28 1.82 -11.00
C VAL A 420 -19.31 0.71 -10.64
N LYS A 421 -19.63 -0.50 -11.10
CA LYS A 421 -18.75 -1.65 -10.91
C LYS A 421 -17.62 -1.57 -11.94
N ILE A 422 -16.39 -1.80 -11.50
CA ILE A 422 -15.26 -1.76 -12.43
C ILE A 422 -15.07 -3.12 -13.07
N PRO A 423 -15.23 -3.17 -14.40
CA PRO A 423 -15.19 -4.34 -15.30
C PRO A 423 -13.88 -5.11 -15.21
N GLU A 424 -13.95 -6.42 -15.02
CA GLU A 424 -12.75 -7.25 -15.14
C GLU A 424 -12.47 -7.49 -16.62
N GLN A 425 -13.53 -7.72 -17.39
CA GLN A 425 -13.41 -7.99 -18.81
C GLN A 425 -13.50 -6.73 -19.69
N CYS A 426 -12.74 -6.71 -20.77
CA CYS A 426 -12.71 -5.60 -21.72
C CYS A 426 -13.73 -5.73 -22.85
N THR A 427 -14.74 -6.57 -22.65
CA THR A 427 -15.48 -7.13 -23.78
C THR A 427 -16.98 -6.75 -23.92
N ALA A 428 -17.88 -7.68 -23.62
CA ALA A 428 -19.30 -7.57 -23.99
C ALA A 428 -20.11 -6.57 -23.15
N SER B 1 -31.65 30.43 -32.52
CA SER B 1 -31.10 30.44 -31.16
C SER B 1 -30.24 31.69 -30.95
N LEU B 2 -29.23 31.58 -30.09
CA LEU B 2 -28.32 32.69 -29.82
C LEU B 2 -27.06 32.59 -30.69
N GLU B 3 -26.65 33.73 -31.25
CA GLU B 3 -25.49 33.81 -32.12
C GLU B 3 -24.28 34.30 -31.35
N PRO B 4 -23.07 33.95 -31.82
CA PRO B 4 -21.85 34.47 -31.18
C PRO B 4 -21.81 36.00 -31.23
N VAL B 5 -21.42 36.61 -30.11
CA VAL B 5 -21.23 38.05 -30.08
C VAL B 5 -19.75 38.38 -30.32
N TYR B 6 -19.45 38.96 -31.48
CA TYR B 6 -18.07 39.33 -31.79
C TYR B 6 -17.73 40.71 -31.22
N TRP B 7 -16.68 40.80 -30.42
CA TRP B 7 -16.41 42.05 -29.73
C TRP B 7 -15.32 42.94 -30.34
N ASN B 8 -15.66 43.56 -31.47
CA ASN B 8 -14.84 44.58 -32.12
C ASN B 8 -15.74 45.57 -32.84
N SER B 9 -15.12 46.61 -33.41
CA SER B 9 -15.84 47.63 -34.16
C SER B 9 -16.45 47.03 -35.42
N ALA B 10 -15.79 46.01 -35.95
CA ALA B 10 -16.20 45.34 -37.19
C ALA B 10 -17.59 44.73 -37.11
N ASN B 11 -18.10 44.55 -35.89
CA ASN B 11 -19.41 43.93 -35.68
C ASN B 11 -20.56 44.71 -36.33
N LYS B 12 -20.77 45.95 -35.89
CA LYS B 12 -21.79 46.79 -36.50
C LYS B 12 -23.20 46.41 -36.02
N ARG B 13 -23.32 45.23 -35.43
CA ARG B 13 -24.59 44.80 -34.84
C ARG B 13 -24.86 45.77 -33.68
N PHE B 14 -23.78 46.44 -33.26
CA PHE B 14 -23.82 47.44 -32.19
C PHE B 14 -24.46 48.75 -32.65
N GLN B 15 -24.05 49.21 -33.83
CA GLN B 15 -24.55 50.45 -34.43
C GLN B 15 -25.97 50.28 -34.98
N ALA B 16 -26.68 49.27 -34.47
CA ALA B 16 -28.02 48.96 -34.93
C ALA B 16 -29.10 49.71 -34.14
N GLU B 17 -30.31 49.74 -34.69
CA GLU B 17 -31.44 50.50 -34.15
C GLU B 17 -31.69 50.35 -32.63
N GLY B 18 -32.34 49.25 -32.25
CA GLY B 18 -32.66 48.98 -30.86
C GLY B 18 -31.45 48.91 -29.95
N GLY B 19 -30.36 48.32 -30.46
CA GLY B 19 -29.08 48.36 -29.77
C GLY B 19 -28.50 47.05 -29.27
N TYR B 20 -28.56 46.01 -30.09
CA TYR B 20 -28.04 44.69 -29.72
C TYR B 20 -28.74 44.17 -28.46
N VAL B 21 -29.94 43.64 -28.64
CA VAL B 21 -30.68 43.02 -27.54
C VAL B 21 -30.86 41.53 -27.81
N LEU B 22 -30.36 40.71 -26.89
CA LEU B 22 -30.56 39.27 -26.93
C LEU B 22 -31.57 38.84 -25.87
N TYR B 23 -32.40 37.86 -26.23
CA TYR B 23 -33.39 37.31 -25.30
C TYR B 23 -33.11 35.83 -25.06
N PRO B 24 -32.13 35.53 -24.19
CA PRO B 24 -31.72 34.15 -24.00
C PRO B 24 -32.77 33.35 -23.25
N GLN B 25 -32.88 32.08 -23.60
CA GLN B 25 -33.80 31.18 -22.92
C GLN B 25 -33.04 30.49 -21.80
N ILE B 26 -33.75 30.15 -20.72
CA ILE B 26 -33.13 29.35 -19.68
C ILE B 26 -32.69 28.02 -20.32
N GLY B 27 -31.38 27.79 -20.31
CA GLY B 27 -30.82 26.61 -20.95
C GLY B 27 -29.97 27.01 -22.15
N ASP B 28 -30.00 28.28 -22.50
CA ASP B 28 -29.25 28.76 -23.66
C ASP B 28 -27.78 29.00 -23.34
N ARG B 29 -26.92 28.74 -24.33
CA ARG B 29 -25.51 29.11 -24.25
C ARG B 29 -25.27 30.42 -24.98
N LEU B 30 -24.12 31.03 -24.73
CA LEU B 30 -23.75 32.32 -25.32
C LEU B 30 -22.23 32.39 -25.42
N ASP B 31 -21.74 32.87 -26.55
CA ASP B 31 -20.30 33.04 -26.72
C ASP B 31 -19.97 34.48 -27.01
N LEU B 32 -18.91 34.99 -26.40
CA LEU B 32 -18.38 36.30 -26.68
C LEU B 32 -16.96 36.09 -27.22
N LEU B 33 -16.69 36.58 -28.42
CA LEU B 33 -15.44 36.28 -29.09
C LEU B 33 -14.56 37.51 -29.35
N CYS B 34 -13.26 37.35 -29.15
CA CYS B 34 -12.27 38.36 -29.49
C CYS B 34 -11.29 37.77 -30.49
N PRO B 35 -11.68 37.73 -31.78
CA PRO B 35 -11.00 37.06 -32.90
C PRO B 35 -9.62 37.63 -33.22
N ARG B 36 -8.62 36.75 -33.30
CA ARG B 36 -7.25 37.07 -33.71
C ARG B 36 -6.98 38.54 -34.04
N ALA B 37 -7.41 38.97 -35.22
CA ALA B 37 -7.08 40.30 -35.75
C ALA B 37 -5.58 40.57 -35.71
N ARG B 38 -4.78 39.54 -36.02
CA ARG B 38 -3.34 39.68 -36.18
C ARG B 38 -2.99 39.11 -37.56
N PRO B 39 -3.05 37.77 -37.71
CA PRO B 39 -3.29 37.29 -39.07
C PRO B 39 -4.78 37.47 -39.37
N PRO B 40 -5.14 38.62 -39.97
CA PRO B 40 -6.54 39.09 -40.04
C PRO B 40 -7.48 38.21 -40.88
N GLY B 41 -8.26 37.37 -40.21
CA GLY B 41 -9.29 36.58 -40.87
C GLY B 41 -10.62 37.32 -40.90
N PRO B 42 -11.72 36.59 -41.20
CA PRO B 42 -13.05 37.21 -41.18
C PRO B 42 -13.46 37.57 -39.76
N HIS B 43 -14.45 38.46 -39.63
CA HIS B 43 -14.98 38.84 -38.31
C HIS B 43 -14.04 39.70 -37.44
N SER B 44 -12.75 39.74 -37.79
CA SER B 44 -11.81 40.63 -37.10
C SER B 44 -11.89 42.08 -37.62
N SER B 45 -11.31 43.01 -36.86
CA SER B 45 -11.43 44.44 -37.15
C SER B 45 -10.14 45.03 -37.74
N PRO B 46 -10.23 46.27 -38.28
CA PRO B 46 -9.10 47.04 -38.80
C PRO B 46 -7.79 46.76 -38.05
N SER B 47 -7.80 46.99 -36.73
CA SER B 47 -6.69 46.60 -35.87
C SER B 47 -7.25 46.06 -34.55
N TYR B 48 -6.42 45.34 -33.80
CA TYR B 48 -6.87 44.75 -32.53
C TYR B 48 -7.33 45.83 -31.56
N GLU B 49 -8.53 45.64 -31.02
CA GLU B 49 -9.12 46.58 -30.07
C GLU B 49 -9.18 45.99 -28.66
N PHE B 50 -8.30 46.47 -27.78
CA PHE B 50 -8.18 45.94 -26.42
C PHE B 50 -9.39 46.25 -25.50
N TYR B 51 -10.12 45.21 -25.11
CA TYR B 51 -11.34 45.38 -24.30
C TYR B 51 -11.36 44.53 -23.03
N LYS B 52 -12.16 44.98 -22.06
CA LYS B 52 -12.58 44.15 -20.92
C LYS B 52 -14.10 44.20 -20.88
N LEU B 53 -14.74 43.03 -20.91
CA LEU B 53 -16.19 42.96 -20.92
C LEU B 53 -16.71 42.61 -19.52
N TYR B 54 -17.65 43.42 -19.02
CA TYR B 54 -18.24 43.20 -17.71
C TYR B 54 -19.74 42.93 -17.84
N LEU B 55 -20.27 42.10 -16.94
CA LEU B 55 -21.70 41.90 -16.85
C LEU B 55 -22.22 42.88 -15.80
N VAL B 56 -23.24 43.66 -16.16
CA VAL B 56 -23.63 44.81 -15.34
C VAL B 56 -25.15 44.89 -15.05
N GLU B 57 -25.47 45.46 -13.89
CA GLU B 57 -26.83 45.49 -13.34
C GLU B 57 -27.93 46.10 -14.20
N GLY B 58 -27.59 46.59 -15.40
CA GLY B 58 -28.61 47.13 -16.28
C GLY B 58 -28.89 48.61 -16.00
N ALA B 59 -29.16 48.92 -14.73
CA ALA B 59 -29.22 50.31 -14.30
C ALA B 59 -27.87 50.97 -14.57
N GLN B 60 -26.80 50.30 -14.12
CA GLN B 60 -25.43 50.77 -14.37
C GLN B 60 -25.09 50.60 -15.84
N GLY B 61 -25.71 49.59 -16.48
CA GLY B 61 -25.48 49.34 -17.88
C GLY B 61 -25.85 50.53 -18.73
N ARG B 62 -27.00 51.13 -18.43
CA ARG B 62 -27.47 52.33 -19.12
C ARG B 62 -26.47 53.46 -18.94
N ARG B 63 -26.10 53.71 -17.68
CA ARG B 63 -25.17 54.79 -17.34
C ARG B 63 -23.76 54.54 -17.90
N CYS B 64 -23.58 53.41 -18.58
CA CYS B 64 -22.28 53.02 -19.10
C CYS B 64 -21.20 53.09 -18.04
N GLU B 65 -21.39 52.34 -16.96
CA GLU B 65 -20.52 52.46 -15.80
C GLU B 65 -20.42 51.15 -15.01
N ALA B 66 -19.23 50.54 -15.05
CA ALA B 66 -18.94 49.37 -14.21
C ALA B 66 -18.82 49.78 -12.74
N PRO B 67 -19.34 48.93 -11.83
CA PRO B 67 -19.21 49.14 -10.38
C PRO B 67 -17.80 48.75 -9.95
N PRO B 68 -17.44 49.01 -8.69
CA PRO B 68 -16.09 48.63 -8.25
C PRO B 68 -16.02 47.09 -8.16
N ALA B 69 -14.82 46.53 -8.32
CA ALA B 69 -14.62 45.09 -8.38
C ALA B 69 -15.71 44.44 -9.24
N PRO B 70 -15.74 44.80 -10.53
CA PRO B 70 -16.86 44.44 -11.41
C PRO B 70 -16.87 42.96 -11.72
N ASN B 71 -17.90 42.54 -12.46
CA ASN B 71 -18.01 41.16 -12.89
C ASN B 71 -17.33 40.98 -14.26
N LEU B 72 -16.01 40.88 -14.26
CA LEU B 72 -15.25 40.73 -15.51
C LEU B 72 -15.49 39.36 -16.19
N LEU B 73 -16.05 39.38 -17.39
CA LEU B 73 -16.33 38.18 -18.15
C LEU B 73 -15.15 37.75 -19.03
N LEU B 74 -14.55 38.71 -19.73
CA LEU B 74 -13.54 38.40 -20.73
C LEU B 74 -12.55 39.55 -20.90
N THR B 75 -11.30 39.21 -21.15
CA THR B 75 -10.25 40.22 -21.27
C THR B 75 -9.41 40.01 -22.52
N CYS B 76 -9.69 40.83 -23.54
CA CYS B 76 -9.02 40.74 -24.84
C CYS B 76 -7.60 41.34 -24.85
N ASP B 77 -6.70 40.69 -24.12
CA ASP B 77 -5.29 41.06 -24.03
C ASP B 77 -4.56 40.75 -25.33
N ARG B 78 -4.86 39.59 -25.89
CA ARG B 78 -3.97 38.95 -26.86
C ARG B 78 -4.43 39.17 -28.31
N PRO B 79 -3.70 40.01 -29.06
CA PRO B 79 -4.00 40.27 -30.47
C PRO B 79 -3.60 39.09 -31.34
N ASP B 80 -2.77 38.21 -30.78
CA ASP B 80 -2.29 37.00 -31.46
C ASP B 80 -3.33 35.90 -31.52
N LEU B 81 -4.14 35.77 -30.47
CA LEU B 81 -4.99 34.61 -30.29
C LEU B 81 -6.47 34.96 -30.35
N ASP B 82 -7.28 33.99 -30.79
CA ASP B 82 -8.73 34.07 -30.64
C ASP B 82 -9.05 33.81 -29.17
N LEU B 83 -9.87 34.67 -28.59
CA LEU B 83 -10.32 34.47 -27.21
C LEU B 83 -11.81 34.22 -27.23
N ARG B 84 -12.30 33.42 -26.28
CA ARG B 84 -13.74 33.28 -26.14
C ARG B 84 -14.16 33.10 -24.69
N PHE B 85 -15.44 33.32 -24.46
CA PHE B 85 -16.03 33.07 -23.16
C PHE B 85 -17.43 32.58 -23.42
N THR B 86 -17.83 31.54 -22.69
CA THR B 86 -19.16 30.97 -22.88
C THR B 86 -19.92 30.98 -21.56
N ILE B 87 -21.17 31.43 -21.62
CA ILE B 87 -22.08 31.33 -20.50
C ILE B 87 -23.13 30.29 -20.88
N LYS B 88 -23.67 29.63 -19.87
CA LYS B 88 -24.91 28.89 -20.03
C LYS B 88 -25.86 29.43 -18.98
N PHE B 89 -27.10 29.70 -19.39
CA PHE B 89 -28.07 30.26 -18.46
C PHE B 89 -28.66 29.12 -17.64
N GLN B 90 -28.00 28.86 -16.51
CA GLN B 90 -28.16 27.64 -15.74
C GLN B 90 -27.72 27.92 -14.31
N GLU B 91 -28.01 26.99 -13.40
CA GLU B 91 -27.65 27.17 -11.99
C GLU B 91 -26.19 26.82 -11.67
N TYR B 92 -25.58 25.95 -12.49
CA TYR B 92 -24.19 25.57 -12.26
C TYR B 92 -23.23 26.33 -13.16
N SER B 93 -22.00 26.50 -12.68
CA SER B 93 -20.99 27.28 -13.37
C SER B 93 -19.63 27.13 -12.70
N PRO B 94 -18.54 27.17 -13.50
CA PRO B 94 -17.19 27.19 -12.92
C PRO B 94 -16.89 28.54 -12.26
N ASN B 95 -17.91 29.39 -12.13
CA ASN B 95 -17.78 30.66 -11.42
C ASN B 95 -17.95 30.45 -9.93
N LEU B 96 -17.04 31.02 -9.14
CA LEU B 96 -17.03 30.81 -7.71
C LEU B 96 -17.55 31.99 -6.88
N TRP B 97 -18.19 32.97 -7.52
CA TRP B 97 -18.55 34.19 -6.80
C TRP B 97 -19.97 34.22 -6.26
N GLY B 98 -20.82 33.36 -6.83
CA GLY B 98 -22.20 33.26 -6.40
C GLY B 98 -23.05 34.40 -6.95
N HIS B 99 -22.83 34.71 -8.23
CA HIS B 99 -23.65 35.71 -8.90
C HIS B 99 -24.96 35.03 -9.30
N GLU B 100 -26.03 35.81 -9.45
CA GLU B 100 -27.31 35.25 -9.93
C GLU B 100 -28.11 36.15 -10.90
N PHE B 101 -28.82 35.50 -11.81
CA PHE B 101 -29.61 36.17 -12.86
C PHE B 101 -31.08 36.30 -12.52
N ARG B 102 -31.47 37.40 -11.87
CA ARG B 102 -32.89 37.67 -11.67
C ARG B 102 -33.59 37.57 -13.03
N SER B 103 -34.78 36.96 -13.05
CA SER B 103 -35.63 37.02 -14.23
C SER B 103 -36.41 38.32 -14.19
N HIS B 104 -36.85 38.79 -15.35
CA HIS B 104 -37.56 40.08 -15.44
C HIS B 104 -36.65 41.23 -15.01
N HIS B 105 -35.35 41.00 -15.10
CA HIS B 105 -34.35 42.05 -14.87
C HIS B 105 -33.45 42.22 -16.07
N ASP B 106 -32.90 43.43 -16.21
CA ASP B 106 -32.04 43.76 -17.33
C ASP B 106 -30.56 43.72 -16.93
N TYR B 107 -29.76 43.03 -17.74
CA TYR B 107 -28.32 43.02 -17.53
C TYR B 107 -27.63 43.44 -18.82
N TYR B 108 -26.48 44.11 -18.69
CA TYR B 108 -25.74 44.55 -19.87
C TYR B 108 -24.35 43.94 -19.90
N ILE B 109 -23.89 43.51 -21.06
CA ILE B 109 -22.47 43.21 -21.24
C ILE B 109 -21.82 44.43 -21.86
N ILE B 110 -21.05 45.16 -21.07
CA ILE B 110 -20.51 46.45 -21.50
C ILE B 110 -18.99 46.43 -21.58
N ALA B 111 -18.44 47.30 -22.43
CA ALA B 111 -17.00 47.53 -22.47
C ALA B 111 -16.72 49.02 -22.26
N THR B 112 -16.12 49.36 -21.12
CA THR B 112 -15.84 50.76 -20.76
C THR B 112 -14.42 51.22 -21.13
N SER B 113 -13.66 50.34 -21.78
CA SER B 113 -12.35 50.69 -22.32
C SER B 113 -12.51 51.51 -23.59
N ASP B 114 -11.53 52.37 -23.88
CA ASP B 114 -11.53 53.14 -25.12
C ASP B 114 -10.99 52.27 -26.26
N GLY B 115 -10.66 51.03 -25.94
CA GLY B 115 -10.21 50.07 -26.94
C GLY B 115 -8.71 50.10 -27.16
N THR B 116 -8.00 50.70 -26.22
CA THR B 116 -6.56 50.81 -26.33
C THR B 116 -5.87 50.12 -25.15
N ARG B 117 -4.62 49.72 -25.31
CA ARG B 117 -3.93 49.02 -24.24
C ARG B 117 -3.84 49.90 -23.00
N GLU B 118 -3.78 51.21 -23.21
CA GLU B 118 -3.58 52.14 -22.10
C GLU B 118 -4.91 52.54 -21.48
N GLY B 119 -6.00 52.27 -22.19
CA GLY B 119 -7.32 52.61 -21.68
C GLY B 119 -8.04 51.41 -21.11
N LEU B 120 -7.35 50.27 -21.07
CA LEU B 120 -7.97 48.97 -20.74
C LEU B 120 -8.69 48.95 -19.39
N GLU B 121 -8.02 49.40 -18.34
CA GLU B 121 -8.56 49.28 -16.98
C GLU B 121 -9.68 50.27 -16.69
N SER B 122 -9.99 51.14 -17.64
CA SER B 122 -11.08 52.11 -17.48
C SER B 122 -12.36 51.40 -17.03
N LEU B 123 -12.98 51.93 -15.97
CA LEU B 123 -14.21 51.34 -15.42
C LEU B 123 -15.46 52.15 -15.72
N GLN B 124 -15.30 53.25 -16.46
CA GLN B 124 -16.44 54.12 -16.76
C GLN B 124 -16.54 54.43 -18.26
N GLY B 125 -17.77 54.30 -18.77
CA GLY B 125 -18.10 54.34 -20.20
C GLY B 125 -17.05 54.79 -21.19
N GLY B 126 -16.49 53.85 -21.94
CA GLY B 126 -15.53 54.17 -22.99
C GLY B 126 -16.21 53.95 -24.33
N VAL B 127 -15.84 52.85 -24.99
CA VAL B 127 -16.47 52.42 -26.23
C VAL B 127 -17.96 52.12 -26.02
N CYS B 128 -18.33 51.86 -24.77
CA CYS B 128 -19.72 51.72 -24.38
C CYS B 128 -20.51 52.97 -24.81
N LEU B 129 -19.87 54.13 -24.71
CA LEU B 129 -20.43 55.40 -25.19
C LEU B 129 -20.04 55.64 -26.64
N THR B 130 -18.76 55.91 -26.85
CA THR B 130 -18.16 56.06 -28.19
C THR B 130 -18.92 55.27 -29.27
N ARG B 131 -18.66 53.97 -29.35
CA ARG B 131 -19.25 53.15 -30.40
C ARG B 131 -20.55 52.46 -30.00
N GLY B 132 -21.06 52.79 -28.81
CA GLY B 132 -22.28 52.18 -28.31
C GLY B 132 -22.16 50.68 -28.14
N MET B 133 -21.02 50.25 -27.57
CA MET B 133 -20.72 48.83 -27.37
C MET B 133 -21.25 48.29 -26.04
N LYS B 134 -22.54 48.00 -26.03
CA LYS B 134 -23.16 47.25 -24.94
C LYS B 134 -24.22 46.30 -25.49
N VAL B 135 -24.57 45.28 -24.72
CA VAL B 135 -25.62 44.35 -25.13
C VAL B 135 -26.60 44.12 -23.99
N LEU B 136 -27.89 44.39 -24.23
CA LEU B 136 -28.90 44.12 -23.23
C LEU B 136 -29.25 42.63 -23.25
N LEU B 137 -29.41 42.05 -22.08
CA LEU B 137 -29.83 40.66 -21.97
C LEU B 137 -31.12 40.56 -21.15
N ARG B 138 -32.19 40.13 -21.82
CA ARG B 138 -33.47 39.90 -21.14
C ARG B 138 -33.78 38.41 -21.17
N VAL B 139 -33.61 37.77 -20.01
CA VAL B 139 -33.61 36.32 -19.91
C VAL B 139 -35.00 35.77 -19.58
N GLY B 140 -35.45 34.79 -20.39
CA GLY B 140 -36.73 34.13 -20.22
C GLY B 140 -37.22 34.02 -18.78
N GLN B 141 -38.48 34.38 -18.57
CA GLN B 141 -39.09 34.40 -17.24
C GLN B 141 -38.74 33.17 -16.39
N GLU C 1 -5.84 -1.42 24.36
CA GLU C 1 -4.56 -2.13 24.39
C GLU C 1 -4.31 -2.87 23.07
N GLY C 2 -4.68 -2.24 21.96
CA GLY C 2 -4.64 -2.86 20.66
C GLY C 2 -3.42 -2.60 19.77
N VAL C 3 -2.75 -3.69 19.42
CA VAL C 3 -1.78 -3.64 18.35
C VAL C 3 -2.53 -3.59 17.01
N SER C 4 -1.97 -2.93 16.02
CA SER C 4 -2.62 -2.81 14.71
C SER C 4 -1.65 -3.23 13.62
N ASN C 5 -2.18 -3.73 12.51
CA ASN C 5 -1.34 -4.03 11.35
C ASN C 5 -0.53 -2.82 10.91
N LEU C 6 0.62 -3.09 10.29
CA LEU C 6 1.47 -2.04 9.74
C LEU C 6 0.84 -1.43 8.48
N VAL C 7 0.11 -0.32 8.64
CA VAL C 7 -0.61 0.31 7.52
C VAL C 7 -0.48 1.84 7.43
N GLY C 8 -0.71 2.36 6.23
CA GLY C 8 -0.75 3.79 6.02
C GLY C 8 0.61 4.44 6.20
N LEU C 9 0.66 5.50 7.00
CA LEU C 9 1.90 6.22 7.25
C LEU C 9 2.22 6.27 8.74
N PRO C 10 2.97 5.26 9.23
CA PRO C 10 3.42 5.19 10.62
C PRO C 10 4.39 6.32 10.89
N ASN C 11 4.82 6.47 12.15
CA ASN C 11 5.83 7.46 12.50
C ASN C 11 7.11 7.29 11.69
N ASN C 12 8.03 8.23 11.85
CA ASN C 12 9.29 8.15 11.13
C ASN C 12 10.25 7.15 11.75
N ILE C 13 11.04 6.52 10.89
CA ILE C 13 12.11 5.64 11.34
C ILE C 13 13.41 6.21 10.80
N CYS C 14 14.50 5.98 11.52
CA CYS C 14 15.81 6.36 11.04
C CYS C 14 16.07 5.72 9.67
N LEU C 15 16.44 6.53 8.70
CA LEU C 15 16.70 6.02 7.35
C LEU C 15 18.19 6.09 7.02
N GLN C 16 19.00 6.33 8.06
CA GLN C 16 20.44 6.53 7.92
C GLN C 16 21.23 5.30 8.32
N LYS C 17 22.17 4.88 7.47
CA LYS C 17 23.10 3.83 7.86
C LYS C 17 23.93 4.33 9.05
N THR C 18 23.74 3.72 10.21
CA THR C 18 24.43 4.17 11.42
C THR C 18 25.11 3.02 12.18
N SER C 19 25.97 3.37 13.14
CA SER C 19 26.64 2.39 13.98
C SER C 19 26.20 2.55 15.42
N ASN C 20 25.36 3.55 15.68
CA ASN C 20 24.89 3.80 17.04
C ASN C 20 23.95 2.68 17.45
N GLN C 21 23.97 2.32 18.73
CA GLN C 21 23.02 1.33 19.24
C GLN C 21 21.64 1.94 19.50
N ILE C 22 21.00 2.36 18.42
CA ILE C 22 19.62 2.88 18.47
C ILE C 22 18.62 1.73 18.68
N LEU C 23 18.96 0.54 18.19
CA LEU C 23 18.15 -0.66 18.41
C LEU C 23 18.34 -1.25 19.83
N LYS C 24 17.23 -1.43 20.54
CA LYS C 24 17.29 -1.95 21.90
C LYS C 24 16.26 -3.08 22.09
N PRO C 25 16.62 -4.30 21.65
CA PRO C 25 15.69 -5.44 21.71
C PRO C 25 15.22 -5.75 23.13
N LYS C 26 14.01 -6.26 23.29
CA LYS C 26 13.54 -6.70 24.60
C LYS C 26 13.12 -8.15 24.52
N LEU C 27 13.35 -8.89 25.61
CA LEU C 27 12.95 -10.29 25.71
C LEU C 27 11.56 -10.34 26.34
N ILE C 28 10.60 -10.93 25.63
CA ILE C 28 9.21 -10.95 26.09
C ILE C 28 8.66 -12.36 26.08
N SER C 29 9.54 -13.34 25.96
CA SER C 29 9.14 -14.74 25.90
C SER C 29 8.13 -15.10 27.00
N TYR C 30 8.53 -14.89 28.26
CA TYR C 30 7.70 -15.15 29.44
C TYR C 30 6.18 -15.17 29.22
N THR C 31 5.63 -14.16 28.52
CA THR C 31 4.18 -14.10 28.25
C THR C 31 3.71 -15.22 27.30
N LEU C 32 4.64 -16.08 26.91
CA LEU C 32 4.29 -17.33 26.25
C LEU C 32 4.89 -18.48 27.07
N PRO C 33 4.24 -18.82 28.20
CA PRO C 33 4.74 -19.79 29.19
C PRO C 33 5.12 -21.11 28.54
N VAL C 34 6.29 -21.63 28.88
CA VAL C 34 6.80 -22.86 28.29
C VAL C 34 7.61 -23.67 29.29
N VAL C 35 7.06 -24.81 29.70
CA VAL C 35 7.77 -25.72 30.60
C VAL C 35 8.46 -26.82 29.80
N GLY C 36 9.20 -27.68 30.52
CA GLY C 36 9.94 -28.76 29.90
C GLY C 36 11.11 -29.16 30.79
N GLN C 37 11.13 -30.43 31.18
CA GLN C 37 12.20 -30.97 32.00
C GLN C 37 13.52 -30.91 31.21
N SER C 38 14.64 -31.06 31.89
CA SER C 38 15.94 -31.04 31.22
C SER C 38 15.93 -32.01 30.04
N GLY C 39 16.82 -31.79 29.07
CA GLY C 39 16.87 -32.64 27.89
C GLY C 39 15.60 -32.60 27.05
N THR C 40 14.77 -31.59 27.28
CA THR C 40 13.65 -31.33 26.39
C THR C 40 14.07 -30.27 25.36
N CYS C 41 13.68 -30.48 24.11
CA CYS C 41 13.99 -29.55 23.04
C CYS C 41 12.70 -29.14 22.34
N ILE C 42 12.41 -27.84 22.32
CA ILE C 42 11.19 -27.36 21.68
C ILE C 42 11.49 -26.74 20.31
N THR C 43 10.96 -27.35 19.25
CA THR C 43 11.27 -26.91 17.87
C THR C 43 10.09 -26.86 16.91
N ASP C 44 10.40 -26.94 15.62
CA ASP C 44 9.42 -26.77 14.53
C ASP C 44 8.51 -25.57 14.79
N PRO C 45 9.11 -24.38 15.01
CA PRO C 45 8.38 -23.21 15.49
C PRO C 45 7.51 -22.59 14.40
N LEU C 46 6.41 -21.97 14.84
CA LEU C 46 5.55 -21.18 13.97
C LEU C 46 5.03 -20.01 14.79
N LEU C 47 5.21 -18.82 14.24
CA LEU C 47 4.55 -17.62 14.77
C LEU C 47 3.90 -16.87 13.60
N ALA C 48 2.66 -16.44 13.82
CA ALA C 48 1.98 -15.65 12.81
C ALA C 48 1.23 -14.52 13.52
N MET C 49 1.02 -13.42 12.79
CA MET C 49 0.26 -12.31 13.35
C MET C 49 -0.62 -11.63 12.30
N ASP C 50 -1.76 -11.12 12.76
CA ASP C 50 -2.67 -10.38 11.89
C ASP C 50 -3.74 -9.70 12.76
N GLU C 51 -3.84 -8.39 12.61
CA GLU C 51 -4.90 -7.63 13.25
C GLU C 51 -4.88 -7.74 14.78
N GLY C 52 -3.69 -7.84 15.36
CA GLY C 52 -3.55 -7.91 16.80
C GLY C 52 -3.82 -9.29 17.38
N TYR C 53 -3.70 -10.32 16.54
CA TYR C 53 -3.83 -11.70 16.99
C TYR C 53 -2.65 -12.52 16.47
N PHE C 54 -2.32 -13.59 17.19
CA PHE C 54 -1.22 -14.44 16.75
C PHE C 54 -1.60 -15.92 16.75
N ALA C 55 -0.96 -16.67 15.87
CA ALA C 55 -0.96 -18.13 15.91
C ALA C 55 0.43 -18.56 16.37
N TYR C 56 0.51 -19.74 16.99
CA TYR C 56 1.78 -20.28 17.47
C TYR C 56 1.78 -21.81 17.42
N SER C 57 2.95 -22.39 17.20
CA SER C 57 3.05 -23.84 17.19
C SER C 57 4.48 -24.30 17.43
N HIS C 58 4.63 -25.40 18.18
CA HIS C 58 5.94 -26.02 18.33
C HIS C 58 5.82 -27.51 18.57
N LEU C 59 6.89 -28.24 18.27
CA LEU C 59 6.96 -29.67 18.57
C LEU C 59 7.93 -29.88 19.73
N GLU C 60 7.41 -30.36 20.86
CA GLU C 60 8.25 -30.63 22.03
C GLU C 60 8.93 -32.01 21.93
N ARG C 61 10.25 -32.01 22.01
CA ARG C 61 11.02 -33.24 21.85
C ARG C 61 11.74 -33.64 23.14
N ILE C 62 12.08 -34.93 23.23
CA ILE C 62 12.97 -35.41 24.29
C ILE C 62 14.17 -36.07 23.61
N GLY C 63 15.32 -35.43 23.74
CA GLY C 63 16.51 -35.84 23.02
C GLY C 63 17.03 -34.72 22.14
N SER C 64 17.56 -35.09 20.97
CA SER C 64 18.05 -34.09 20.02
C SER C 64 16.86 -33.33 19.41
N CYS C 65 17.15 -32.16 18.86
CA CYS C 65 16.12 -31.38 18.18
C CYS C 65 15.78 -32.06 16.86
N SER C 66 16.77 -32.74 16.28
CA SER C 66 16.67 -33.34 14.95
C SER C 66 15.88 -34.64 14.96
N ARG C 67 16.24 -35.54 15.88
CA ARG C 67 15.73 -36.91 15.88
C ARG C 67 15.00 -37.28 17.18
N GLY C 68 15.14 -36.43 18.20
CA GLY C 68 14.53 -36.68 19.50
C GLY C 68 13.06 -37.05 19.44
N VAL C 69 12.59 -37.75 20.46
CA VAL C 69 11.23 -38.29 20.45
C VAL C 69 10.12 -37.25 20.72
N SER C 70 9.23 -37.11 19.73
CA SER C 70 8.09 -36.19 19.81
C SER C 70 7.22 -36.49 21.03
N LYS C 71 7.22 -35.59 22.00
CA LYS C 71 6.38 -35.72 23.19
C LYS C 71 5.02 -35.06 23.01
N GLN C 72 5.01 -33.85 22.45
CA GLN C 72 3.73 -33.16 22.22
C GLN C 72 3.76 -32.07 21.14
N ARG C 73 2.61 -31.82 20.52
CA ARG C 73 2.45 -30.74 19.56
C ARG C 73 1.56 -29.66 20.15
N ILE C 74 2.08 -28.45 20.31
CA ILE C 74 1.26 -27.30 20.68
C ILE C 74 0.77 -26.55 19.43
N ILE C 75 -0.52 -26.22 19.40
CA ILE C 75 -1.08 -25.31 18.40
C ILE C 75 -2.04 -24.35 19.09
N GLY C 76 -1.65 -23.08 19.13
CA GLY C 76 -2.38 -22.11 19.91
C GLY C 76 -2.47 -20.75 19.25
N VAL C 77 -3.33 -19.91 19.82
CA VAL C 77 -3.53 -18.57 19.32
C VAL C 77 -3.87 -17.71 20.52
N GLY C 78 -3.90 -16.40 20.30
CA GLY C 78 -4.17 -15.47 21.38
C GLY C 78 -4.05 -14.08 20.81
N GLU C 79 -4.01 -13.07 21.68
CA GLU C 79 -3.91 -11.70 21.19
C GLU C 79 -2.56 -11.03 21.47
N VAL C 80 -2.26 -10.02 20.65
CA VAL C 80 -1.04 -9.25 20.79
C VAL C 80 -1.39 -7.90 21.41
N LEU C 81 -1.04 -7.75 22.68
CA LEU C 81 -1.55 -6.66 23.50
C LEU C 81 -0.46 -5.72 24.00
N ASP C 82 -0.89 -4.56 24.49
CA ASP C 82 0.01 -3.68 25.24
C ASP C 82 0.04 -4.19 26.67
N ARG C 83 1.24 -4.56 27.14
CA ARG C 83 1.41 -5.12 28.47
C ARG C 83 1.37 -4.04 29.57
N GLY C 84 0.88 -2.85 29.21
CA GLY C 84 0.83 -1.71 30.11
C GLY C 84 2.10 -0.88 30.07
N ASP C 85 3.17 -1.51 29.60
CA ASP C 85 4.47 -0.89 29.53
C ASP C 85 4.59 -0.03 28.28
N GLU C 86 3.54 -0.02 27.47
CA GLU C 86 3.61 0.48 26.10
C GLU C 86 4.60 -0.36 25.29
N VAL C 87 4.60 -1.66 25.57
CA VAL C 87 5.43 -2.64 24.91
C VAL C 87 4.54 -3.80 24.46
N PRO C 88 4.71 -4.26 23.21
CA PRO C 88 3.91 -5.36 22.68
C PRO C 88 4.29 -6.70 23.35
N SER C 89 3.28 -7.51 23.67
CA SER C 89 3.50 -8.83 24.25
C SER C 89 2.39 -9.76 23.79
N LEU C 90 2.69 -11.06 23.71
CA LEU C 90 1.69 -12.05 23.30
C LEU C 90 0.91 -12.59 24.49
N PHE C 91 -0.35 -12.94 24.26
CA PHE C 91 -1.23 -13.48 25.30
C PHE C 91 -2.14 -14.59 24.76
N MET C 92 -1.84 -15.83 25.15
CA MET C 92 -2.61 -17.02 24.75
C MET C 92 -4.04 -16.97 25.25
N THR C 93 -4.96 -17.47 24.42
CA THR C 93 -6.38 -17.50 24.74
C THR C 93 -6.98 -18.86 24.41
N ASN C 94 -6.32 -19.60 23.52
CA ASN C 94 -6.86 -20.84 22.99
C ASN C 94 -5.75 -21.77 22.53
N VAL C 95 -5.63 -22.94 23.14
CA VAL C 95 -4.62 -23.91 22.70
C VAL C 95 -5.22 -25.26 22.37
N TRP C 96 -4.55 -26.03 21.52
CA TRP C 96 -5.06 -27.33 21.10
C TRP C 96 -3.94 -28.32 20.84
N THR C 97 -3.90 -29.40 21.61
CA THR C 97 -2.91 -30.43 21.37
C THR C 97 -3.52 -31.60 20.61
N PRO C 98 -2.92 -31.95 19.46
CA PRO C 98 -3.26 -33.10 18.62
C PRO C 98 -2.93 -34.42 19.34
N PRO C 99 -3.85 -35.40 19.24
CA PRO C 99 -3.74 -36.73 19.87
C PRO C 99 -2.36 -37.37 19.68
N ASN C 100 -1.93 -37.55 18.43
CA ASN C 100 -0.61 -38.11 18.13
C ASN C 100 0.33 -37.07 17.53
N PRO C 101 1.27 -36.55 18.35
CA PRO C 101 2.31 -35.59 17.99
C PRO C 101 3.14 -36.02 16.79
N ASN C 102 3.17 -37.32 16.49
CA ASN C 102 3.98 -37.82 15.38
C ASN C 102 3.31 -37.67 14.01
N THR C 103 2.04 -37.30 13.99
CA THR C 103 1.28 -37.30 12.74
C THR C 103 1.18 -35.96 12.02
N VAL C 104 1.43 -34.86 12.73
CA VAL C 104 1.24 -33.52 12.16
C VAL C 104 2.56 -32.85 11.77
N TYR C 105 2.55 -32.19 10.61
CA TYR C 105 3.77 -31.61 10.05
C TYR C 105 3.49 -30.30 9.29
N HIS C 106 4.52 -29.45 9.21
CA HIS C 106 4.53 -28.29 8.30
C HIS C 106 3.31 -27.37 8.38
N CYS C 107 2.85 -27.15 9.60
CA CYS C 107 1.67 -26.31 9.84
C CYS C 107 1.82 -24.92 9.22
N SER C 108 0.70 -24.32 8.85
CA SER C 108 0.68 -22.97 8.29
C SER C 108 -0.55 -22.22 8.78
N ALA C 109 -0.42 -20.93 9.03
CA ALA C 109 -1.49 -20.18 9.71
C ALA C 109 -1.92 -18.89 9.00
N VAL C 110 -3.24 -18.71 8.82
CA VAL C 110 -3.75 -17.40 8.41
C VAL C 110 -5.03 -17.00 9.15
N TYR C 111 -5.13 -15.71 9.47
CA TYR C 111 -6.25 -15.18 10.24
C TYR C 111 -7.32 -14.59 9.33
N ASN C 112 -8.60 -14.78 9.67
CA ASN C 112 -9.66 -14.12 8.90
C ASN C 112 -10.74 -13.39 9.72
N ASN C 113 -11.50 -14.11 10.53
CA ASN C 113 -12.66 -13.45 11.11
C ASN C 113 -12.95 -13.89 12.53
N GLU C 114 -12.13 -13.45 13.47
CA GLU C 114 -12.18 -13.96 14.83
C GLU C 114 -11.69 -15.42 14.87
N PHE C 115 -11.09 -15.85 13.76
CA PHE C 115 -10.57 -17.21 13.60
C PHE C 115 -9.17 -17.26 12.95
N TYR C 116 -8.26 -18.01 13.55
CA TYR C 116 -7.04 -18.42 12.86
C TYR C 116 -7.25 -19.79 12.22
N TYR C 117 -6.69 -19.99 11.04
CA TYR C 117 -6.86 -21.27 10.33
C TYR C 117 -5.49 -21.91 10.15
N VAL C 118 -5.27 -23.04 10.83
CA VAL C 118 -3.98 -23.71 10.77
C VAL C 118 -4.06 -24.97 9.90
N LEU C 119 -3.42 -24.91 8.74
CA LEU C 119 -3.42 -26.01 7.78
C LEU C 119 -2.13 -26.82 7.86
N CYS C 120 -2.27 -28.09 8.26
CA CYS C 120 -1.11 -28.97 8.40
C CYS C 120 -1.15 -30.17 7.45
N ALA C 121 0.01 -30.79 7.27
CA ALA C 121 0.07 -32.10 6.63
C ALA C 121 -0.16 -33.19 7.69
N VAL C 122 -0.80 -34.28 7.30
CA VAL C 122 -0.93 -35.44 8.19
C VAL C 122 -0.16 -36.62 7.58
N SER C 123 0.81 -37.13 8.34
CA SER C 123 1.71 -38.17 7.84
C SER C 123 2.04 -39.23 8.88
N THR C 124 2.00 -40.50 8.45
CA THR C 124 2.34 -41.63 9.28
C THR C 124 3.62 -42.29 8.77
N VAL C 125 4.28 -41.60 7.84
CA VAL C 125 5.55 -42.07 7.27
C VAL C 125 6.66 -41.05 7.53
N GLY C 126 6.42 -40.17 8.51
CA GLY C 126 7.39 -39.16 8.90
C GLY C 126 7.23 -37.83 8.17
N ASP C 127 8.28 -37.01 8.20
CA ASP C 127 8.26 -35.73 7.48
C ASP C 127 8.06 -35.97 5.98
N PRO C 128 6.91 -35.49 5.45
CA PRO C 128 6.52 -35.71 4.04
C PRO C 128 7.62 -35.34 3.05
N ILE C 129 8.54 -34.45 3.44
CA ILE C 129 9.64 -34.02 2.57
C ILE C 129 10.66 -35.15 2.44
N LEU C 130 11.02 -35.73 3.58
CA LEU C 130 12.09 -36.74 3.66
C LEU C 130 11.67 -38.13 3.15
N ASN C 131 10.37 -38.36 3.06
CA ASN C 131 9.82 -39.63 2.58
C ASN C 131 8.73 -39.29 1.58
N SER C 132 9.11 -38.57 0.53
CA SER C 132 8.15 -37.95 -0.39
C SER C 132 7.16 -38.96 -0.99
N THR C 133 7.70 -40.03 -1.56
CA THR C 133 6.90 -41.02 -2.32
C THR C 133 5.89 -41.83 -1.51
N TYR C 134 6.04 -41.83 -0.18
CA TYR C 134 5.19 -42.65 0.67
C TYR C 134 4.15 -41.84 1.44
N TRP C 135 4.06 -40.54 1.16
CA TRP C 135 3.12 -39.71 1.92
C TRP C 135 1.73 -39.68 1.26
N SER C 136 0.69 -39.75 2.10
CA SER C 136 -0.70 -39.79 1.63
C SER C 136 -1.02 -38.60 0.74
N GLY C 137 -0.35 -37.48 1.02
CA GLY C 137 -0.72 -36.18 0.47
C GLY C 137 -1.81 -35.62 1.37
N SER C 138 -1.99 -36.30 2.50
CA SER C 138 -3.09 -36.00 3.39
C SER C 138 -2.92 -34.66 4.13
N LEU C 139 -3.93 -33.79 4.00
CA LEU C 139 -3.93 -32.50 4.71
C LEU C 139 -5.03 -32.42 5.77
N MET C 140 -5.00 -31.35 6.56
CA MET C 140 -5.98 -31.14 7.61
C MET C 140 -6.02 -29.68 8.02
N MET C 141 -7.21 -29.16 8.30
CA MET C 141 -7.31 -27.80 8.81
C MET C 141 -8.00 -27.69 10.16
N THR C 142 -7.33 -27.00 11.08
CA THR C 142 -7.93 -26.66 12.36
C THR C 142 -8.33 -25.18 12.35
N ARG C 143 -9.35 -24.83 13.13
CA ARG C 143 -9.82 -23.44 13.18
C ARG C 143 -10.09 -22.98 14.62
N LEU C 144 -9.16 -22.19 15.16
CA LEU C 144 -9.27 -21.72 16.53
C LEU C 144 -9.82 -20.28 16.61
N ALA C 145 -10.76 -20.09 17.54
CA ALA C 145 -11.27 -18.76 17.86
C ALA C 145 -10.17 -17.98 18.55
N VAL C 146 -9.93 -16.75 18.10
CA VAL C 146 -8.93 -15.90 18.75
C VAL C 146 -9.47 -15.41 20.08
N LYS C 147 -10.79 -15.27 20.18
CA LYS C 147 -11.42 -14.92 21.45
C LYS C 147 -12.46 -15.97 21.82
N PRO C 148 -12.00 -17.09 22.41
CA PRO C 148 -12.87 -18.22 22.78
C PRO C 148 -14.13 -17.77 23.51
N LYS C 149 -15.26 -18.33 23.08
CA LYS C 149 -16.55 -18.12 23.72
C LYS C 149 -16.61 -19.10 24.87
N SER C 150 -17.22 -18.72 26.00
CA SER C 150 -17.38 -19.62 27.13
C SER C 150 -18.28 -20.84 26.77
N ASN C 151 -17.76 -21.62 25.83
CA ASN C 151 -18.39 -22.85 25.30
C ASN C 151 -19.64 -22.67 24.41
N GLY C 152 -19.49 -23.04 23.14
CA GLY C 152 -20.56 -22.86 22.18
C GLY C 152 -20.86 -24.08 21.32
N GLY C 153 -19.82 -24.85 20.99
CA GLY C 153 -20.00 -26.02 20.15
C GLY C 153 -19.51 -25.83 18.73
N GLY C 154 -18.21 -25.96 18.54
CA GLY C 154 -17.60 -25.81 17.23
C GLY C 154 -16.95 -24.46 17.03
N TYR C 155 -17.34 -23.49 17.86
CA TYR C 155 -16.75 -22.15 17.77
C TYR C 155 -15.26 -22.18 18.12
N ASN C 156 -14.97 -22.35 19.42
CA ASN C 156 -13.60 -22.36 19.93
C ASN C 156 -12.65 -23.26 19.15
N GLN C 157 -13.06 -24.50 18.94
CA GLN C 157 -12.26 -25.45 18.15
C GLN C 157 -13.09 -26.19 17.11
N HIS C 158 -12.50 -26.40 15.94
CA HIS C 158 -13.20 -27.08 14.85
C HIS C 158 -12.23 -27.65 13.82
N GLN C 159 -12.55 -28.83 13.30
CA GLN C 159 -11.67 -29.49 12.35
C GLN C 159 -12.32 -29.85 11.03
N LEU C 160 -11.54 -29.74 9.96
CA LEU C 160 -11.95 -30.12 8.61
C LEU C 160 -10.86 -31.07 8.08
N ALA C 161 -11.25 -32.09 7.32
CA ALA C 161 -10.31 -33.13 6.93
C ALA C 161 -9.77 -32.96 5.52
N LEU C 162 -10.31 -31.98 4.80
CA LEU C 162 -9.82 -31.61 3.45
C LEU C 162 -9.99 -32.71 2.39
N ARG C 163 -11.17 -32.69 1.77
CA ARG C 163 -11.56 -33.72 0.81
C ARG C 163 -10.96 -33.49 -0.58
N SER C 164 -11.32 -32.38 -1.22
CA SER C 164 -10.88 -32.09 -2.59
C SER C 164 -9.70 -31.10 -2.63
N ILE C 165 -8.84 -31.29 -3.63
CA ILE C 165 -7.59 -30.52 -3.74
C ILE C 165 -7.13 -30.30 -5.18
N GLU C 166 -7.52 -29.18 -5.79
CA GLU C 166 -7.04 -28.87 -7.14
C GLU C 166 -5.52 -28.72 -7.17
N LYS C 167 -4.84 -29.73 -7.71
CA LYS C 167 -3.37 -29.80 -7.60
C LYS C 167 -2.66 -29.95 -8.96
N GLY C 168 -3.42 -29.78 -10.04
CA GLY C 168 -2.86 -29.76 -11.39
C GLY C 168 -1.90 -30.87 -11.78
N ARG C 169 -0.73 -30.49 -12.26
CA ARG C 169 0.27 -31.47 -12.69
C ARG C 169 1.09 -31.99 -11.51
N TYR C 170 0.75 -31.55 -10.30
CA TYR C 170 1.49 -31.96 -9.10
C TYR C 170 0.86 -33.17 -8.44
N ASP C 171 1.70 -34.18 -8.20
CA ASP C 171 1.31 -35.42 -7.53
C ASP C 171 0.73 -35.13 -6.15
N LYS C 172 1.58 -34.61 -5.26
CA LYS C 172 1.14 -34.23 -3.92
C LYS C 172 1.33 -32.73 -3.70
N VAL C 173 0.65 -32.21 -2.68
CA VAL C 173 0.60 -30.77 -2.43
C VAL C 173 0.43 -30.51 -0.93
N MET C 174 1.21 -29.58 -0.38
CA MET C 174 1.13 -29.31 1.06
C MET C 174 1.60 -27.90 1.49
N PRO C 175 1.11 -27.44 2.67
CA PRO C 175 1.52 -26.17 3.28
C PRO C 175 3.00 -26.25 3.62
N TYR C 176 3.75 -25.20 3.28
CA TYR C 176 5.19 -25.18 3.49
C TYR C 176 5.62 -23.74 3.88
N GLY C 177 5.42 -23.39 5.15
CA GLY C 177 5.73 -22.04 5.60
C GLY C 177 4.84 -21.58 6.74
N PRO C 178 5.36 -20.65 7.57
CA PRO C 178 4.80 -20.18 8.85
C PRO C 178 3.38 -19.63 8.73
N SER C 179 3.15 -18.73 7.77
CA SER C 179 1.89 -17.98 7.69
C SER C 179 1.59 -17.44 6.30
N GLY C 180 0.32 -17.14 6.06
CA GLY C 180 -0.11 -16.54 4.82
C GLY C 180 -1.04 -15.35 5.08
N ILE C 181 -1.87 -15.02 4.10
CA ILE C 181 -2.77 -13.87 4.17
C ILE C 181 -4.20 -14.24 3.79
N LYS C 182 -5.15 -13.37 4.15
CA LYS C 182 -6.54 -13.48 3.68
C LYS C 182 -6.77 -12.42 2.62
N GLN C 183 -7.63 -12.72 1.65
CA GLN C 183 -8.06 -11.72 0.68
C GLN C 183 -9.58 -11.71 0.70
N GLY C 184 -10.14 -10.88 1.58
CA GLY C 184 -11.57 -10.91 1.83
C GLY C 184 -11.96 -12.16 2.58
N ASP C 185 -12.37 -13.20 1.83
CA ASP C 185 -12.75 -14.48 2.44
C ASP C 185 -11.93 -15.65 1.86
N THR C 186 -10.85 -15.31 1.17
CA THR C 186 -9.95 -16.31 0.62
C THR C 186 -8.65 -16.39 1.41
N LEU C 187 -8.27 -17.59 1.81
CA LEU C 187 -7.03 -17.78 2.55
C LEU C 187 -5.94 -18.23 1.57
N TYR C 188 -4.76 -17.65 1.71
CA TYR C 188 -3.61 -18.10 0.94
C TYR C 188 -2.51 -18.59 1.86
N PHE C 189 -2.20 -19.88 1.77
CA PHE C 189 -1.15 -20.48 2.61
C PHE C 189 0.11 -20.67 1.78
N PRO C 190 1.27 -20.36 2.38
CA PRO C 190 2.53 -20.73 1.73
C PRO C 190 2.47 -22.24 1.48
N ALA C 191 2.92 -22.71 0.32
CA ALA C 191 2.80 -24.14 0.05
C ALA C 191 3.87 -24.62 -0.91
N VAL C 192 3.75 -25.90 -1.28
CA VAL C 192 4.76 -26.56 -2.09
C VAL C 192 4.13 -27.68 -2.92
N GLY C 193 4.55 -27.78 -4.18
CA GLY C 193 4.08 -28.83 -5.07
C GLY C 193 5.11 -29.93 -5.25
N PHE C 194 4.65 -31.18 -5.22
CA PHE C 194 5.50 -32.32 -5.54
C PHE C 194 5.26 -32.75 -6.97
N LEU C 195 6.23 -32.49 -7.84
CA LEU C 195 6.11 -32.82 -9.25
C LEU C 195 7.12 -33.89 -9.65
N VAL C 196 6.63 -34.99 -10.20
CA VAL C 196 7.52 -36.05 -10.67
C VAL C 196 8.66 -35.47 -11.50
N ARG C 197 9.88 -35.77 -11.08
CA ARG C 197 11.09 -35.20 -11.69
C ARG C 197 11.10 -35.27 -13.22
N THR C 198 10.64 -36.41 -13.74
CA THR C 198 10.62 -36.64 -15.18
C THR C 198 9.78 -35.59 -15.90
N GLU C 199 8.67 -35.19 -15.28
CA GLU C 199 7.75 -34.22 -15.88
C GLU C 199 8.14 -32.78 -15.64
N PHE C 200 9.27 -32.57 -14.94
CA PHE C 200 9.82 -31.24 -14.77
C PHE C 200 10.35 -30.71 -16.10
N LYS C 201 9.85 -29.53 -16.47
CA LYS C 201 10.10 -28.91 -17.76
C LYS C 201 11.06 -27.72 -17.60
N TYR C 202 12.31 -27.93 -18.00
CA TYR C 202 13.34 -26.92 -17.76
C TYR C 202 14.38 -26.92 -18.89
N ASN C 203 14.60 -25.74 -19.47
CA ASN C 203 15.69 -25.56 -20.42
C ASN C 203 16.99 -25.35 -19.65
N ASP C 204 17.81 -26.40 -19.58
CA ASP C 204 19.06 -26.36 -18.81
C ASP C 204 19.91 -25.11 -19.09
N SER C 205 19.68 -24.47 -20.23
CA SER C 205 20.45 -23.28 -20.62
C SER C 205 19.98 -22.00 -19.92
N ASN C 206 18.87 -22.09 -19.20
CA ASN C 206 18.41 -20.97 -18.37
C ASN C 206 19.20 -20.90 -17.06
N CYS C 207 20.09 -21.86 -16.84
CA CYS C 207 20.92 -21.87 -15.66
C CYS C 207 22.04 -20.88 -15.83
N PRO C 208 22.18 -19.94 -14.87
CA PRO C 208 23.15 -18.84 -14.80
C PRO C 208 24.60 -19.25 -14.48
N ILE C 209 25.26 -19.98 -15.38
CA ILE C 209 26.67 -20.35 -15.22
C ILE C 209 27.60 -19.21 -15.62
N THR C 210 27.04 -18.23 -16.33
CA THR C 210 27.79 -17.24 -17.11
C THR C 210 29.02 -16.57 -16.49
N LYS C 211 29.18 -16.63 -15.17
CA LYS C 211 30.41 -16.16 -14.51
C LYS C 211 30.95 -17.19 -13.51
N CYS C 212 30.69 -18.47 -13.79
CA CYS C 212 30.88 -19.53 -12.81
C CYS C 212 31.57 -20.77 -13.37
N GLN C 213 32.89 -20.78 -13.40
CA GLN C 213 33.59 -22.02 -13.70
C GLN C 213 33.25 -23.00 -12.59
N TYR C 214 33.10 -24.28 -12.93
CA TYR C 214 32.71 -25.32 -11.97
C TYR C 214 31.20 -25.56 -11.91
N SER C 215 30.41 -24.52 -12.17
CA SER C 215 28.96 -24.69 -12.29
C SER C 215 28.65 -25.24 -13.67
N LYS C 216 27.92 -26.34 -13.74
CA LYS C 216 27.50 -26.91 -15.02
C LYS C 216 26.00 -26.67 -15.25
N PRO C 217 25.61 -26.44 -16.51
CA PRO C 217 24.23 -26.09 -16.90
C PRO C 217 23.15 -26.98 -16.24
N GLU C 218 23.49 -28.23 -15.96
CA GLU C 218 22.57 -29.18 -15.34
C GLU C 218 22.19 -28.84 -13.87
N ASN C 219 23.00 -28.00 -13.22
CA ASN C 219 22.88 -27.73 -11.78
C ASN C 219 21.52 -27.20 -11.27
N CYS C 220 20.95 -26.21 -11.95
CA CYS C 220 19.68 -25.63 -11.51
C CYS C 220 18.56 -26.67 -11.41
N ARG C 221 18.47 -27.50 -12.44
CA ARG C 221 17.44 -28.52 -12.53
C ARG C 221 17.60 -29.55 -11.42
N LEU C 222 18.84 -30.01 -11.23
CA LEU C 222 19.13 -31.01 -10.22
C LEU C 222 18.88 -30.48 -8.80
N SER C 223 19.14 -29.19 -8.61
CA SER C 223 18.94 -28.54 -7.32
C SER C 223 17.49 -28.16 -7.04
N MET C 224 16.58 -28.69 -7.86
CA MET C 224 15.15 -28.46 -7.68
C MET C 224 14.47 -29.56 -6.85
N GLY C 225 15.26 -30.56 -6.45
CA GLY C 225 14.82 -31.60 -5.55
C GLY C 225 15.84 -31.83 -4.45
N ILE C 226 15.45 -32.56 -3.40
CA ILE C 226 16.31 -32.73 -2.22
C ILE C 226 17.60 -33.50 -2.53
N ARG C 227 17.54 -34.36 -3.55
CA ARG C 227 18.71 -35.04 -4.08
C ARG C 227 18.64 -34.92 -5.60
N PRO C 228 19.79 -35.03 -6.28
CA PRO C 228 19.82 -34.97 -7.75
C PRO C 228 18.95 -36.06 -8.37
N ASN C 229 18.92 -37.21 -7.70
CA ASN C 229 18.23 -38.41 -8.20
C ASN C 229 16.81 -38.47 -7.69
N SER C 230 16.45 -37.51 -6.82
CA SER C 230 15.17 -37.54 -6.13
C SER C 230 14.00 -37.75 -7.07
N HIS C 231 12.94 -38.38 -6.57
CA HIS C 231 11.79 -38.71 -7.40
C HIS C 231 10.95 -37.48 -7.80
N TYR C 232 10.73 -36.57 -6.84
CA TYR C 232 10.01 -35.33 -7.14
C TYR C 232 10.94 -34.12 -7.18
N ILE C 233 10.42 -33.00 -7.70
CA ILE C 233 11.02 -31.71 -7.49
C ILE C 233 10.04 -30.86 -6.69
N LEU C 234 10.55 -29.89 -5.95
CA LEU C 234 9.68 -29.07 -5.10
C LEU C 234 9.46 -27.70 -5.74
N ARG C 235 8.21 -27.28 -5.81
CA ARG C 235 7.89 -25.97 -6.36
C ARG C 235 7.09 -25.17 -5.34
N SER C 236 7.70 -24.13 -4.78
CA SER C 236 6.96 -23.26 -3.87
C SER C 236 5.76 -22.60 -4.57
N GLY C 237 4.74 -22.27 -3.78
CA GLY C 237 3.53 -21.66 -4.31
C GLY C 237 2.58 -21.28 -3.17
N LEU C 238 1.32 -21.07 -3.51
CA LEU C 238 0.30 -20.82 -2.50
C LEU C 238 -0.78 -21.90 -2.59
N LEU C 239 -1.41 -22.18 -1.45
CA LEU C 239 -2.62 -22.98 -1.42
C LEU C 239 -3.81 -22.09 -1.06
N LYS C 240 -4.72 -21.95 -2.03
CA LYS C 240 -5.89 -21.08 -1.90
C LYS C 240 -7.04 -21.84 -1.22
N TYR C 241 -7.73 -21.17 -0.31
CA TYR C 241 -8.85 -21.77 0.40
C TYR C 241 -10.01 -20.79 0.50
N ASN C 242 -11.03 -21.01 -0.32
CA ASN C 242 -12.20 -20.12 -0.37
C ASN C 242 -13.26 -20.49 0.68
N LEU C 243 -13.45 -19.61 1.67
CA LEU C 243 -14.37 -19.89 2.78
C LEU C 243 -15.84 -19.86 2.37
N SER C 244 -16.13 -19.28 1.22
CA SER C 244 -17.51 -19.16 0.73
C SER C 244 -17.82 -20.20 -0.35
N ASP C 245 -16.87 -21.09 -0.60
CA ASP C 245 -17.05 -22.15 -1.58
C ASP C 245 -17.84 -23.33 -0.97
N GLY C 246 -18.78 -23.01 -0.08
CA GLY C 246 -19.59 -24.01 0.57
C GLY C 246 -19.04 -24.49 1.90
N GLU C 247 -19.73 -25.45 2.50
CA GLU C 247 -19.35 -26.06 3.78
C GLU C 247 -18.04 -26.83 3.62
N ASN C 248 -17.92 -27.51 2.48
CA ASN C 248 -16.68 -28.19 2.09
C ASN C 248 -15.98 -27.50 0.91
N PRO C 249 -15.21 -26.43 1.20
CA PRO C 249 -14.50 -25.66 0.18
C PRO C 249 -13.20 -26.34 -0.24
N LYS C 250 -12.85 -26.23 -1.52
CA LYS C 250 -11.63 -26.85 -2.05
C LYS C 250 -10.37 -26.00 -1.84
N VAL C 251 -9.24 -26.68 -1.63
CA VAL C 251 -7.96 -25.98 -1.69
C VAL C 251 -7.39 -26.07 -3.10
N VAL C 252 -6.83 -24.96 -3.57
CA VAL C 252 -6.22 -24.94 -4.89
C VAL C 252 -4.74 -24.51 -4.81
N PHE C 253 -3.87 -25.35 -5.35
CA PHE C 253 -2.45 -25.00 -5.42
C PHE C 253 -2.20 -24.03 -6.58
N ILE C 254 -1.44 -22.98 -6.28
CA ILE C 254 -1.00 -21.99 -7.26
C ILE C 254 0.51 -21.98 -7.25
N GLU C 255 1.13 -22.44 -8.33
CA GLU C 255 2.60 -22.51 -8.39
C GLU C 255 3.20 -21.11 -8.44
N ILE C 256 4.41 -20.97 -7.91
CA ILE C 256 5.11 -19.69 -8.03
C ILE C 256 5.66 -19.58 -9.46
N SER C 257 5.83 -18.35 -9.93
CA SER C 257 6.45 -18.08 -11.22
C SER C 257 7.87 -18.65 -11.32
N ASP C 258 8.35 -18.87 -12.55
CA ASP C 258 9.71 -19.41 -12.76
C ASP C 258 10.79 -18.32 -12.81
N GLN C 259 10.49 -17.17 -12.20
CA GLN C 259 11.46 -16.09 -12.02
C GLN C 259 12.37 -16.37 -10.83
N ARG C 260 13.68 -16.25 -11.03
CA ARG C 260 14.64 -16.50 -9.96
C ARG C 260 14.14 -17.70 -9.15
N LEU C 261 14.26 -18.88 -9.75
CA LEU C 261 13.62 -20.09 -9.24
C LEU C 261 14.56 -20.96 -8.39
N SER C 262 14.22 -21.09 -7.11
CA SER C 262 14.89 -22.03 -6.21
C SER C 262 14.01 -23.26 -5.96
N ILE C 263 14.61 -24.32 -5.41
CA ILE C 263 13.82 -25.45 -4.97
C ILE C 263 12.80 -24.99 -3.94
N GLY C 264 11.58 -25.49 -4.04
CA GLY C 264 10.53 -25.17 -3.10
C GLY C 264 11.03 -25.21 -1.67
N SER C 265 10.82 -24.11 -0.95
CA SER C 265 11.26 -24.01 0.44
C SER C 265 10.16 -23.43 1.31
N PRO C 266 10.34 -23.49 2.63
CA PRO C 266 9.36 -22.87 3.54
C PRO C 266 9.33 -21.37 3.24
N SER C 267 8.13 -20.82 3.06
CA SER C 267 7.99 -19.47 2.54
C SER C 267 6.93 -18.70 3.32
N LYS C 268 6.90 -17.38 3.11
CA LYS C 268 5.95 -16.53 3.79
C LYS C 268 5.29 -15.57 2.80
N ILE C 269 3.99 -15.35 2.95
CA ILE C 269 3.30 -14.27 2.26
C ILE C 269 2.59 -13.40 3.31
N TYR C 270 2.82 -12.10 3.28
CA TYR C 270 2.30 -11.22 4.31
C TYR C 270 1.96 -9.82 3.83
N ASP C 271 1.05 -9.16 4.54
CA ASP C 271 0.68 -7.78 4.22
C ASP C 271 1.56 -6.80 4.98
N SER C 272 2.29 -5.97 4.24
CA SER C 272 2.87 -4.75 4.80
C SER C 272 2.45 -3.51 4.02
N LEU C 273 1.86 -2.55 4.73
CA LEU C 273 1.55 -1.25 4.16
C LEU C 273 0.62 -1.30 2.92
N GLY C 274 -0.37 -2.18 2.97
CA GLY C 274 -1.43 -2.23 1.97
C GLY C 274 -1.17 -3.07 0.73
N GLN C 275 -0.10 -3.87 0.79
CA GLN C 275 0.23 -4.76 -0.31
C GLN C 275 1.07 -5.93 0.18
N PRO C 276 0.73 -7.14 -0.29
CA PRO C 276 1.43 -8.37 0.10
C PRO C 276 2.87 -8.42 -0.39
N VAL C 277 3.75 -8.88 0.52
CA VAL C 277 5.11 -9.23 0.16
C VAL C 277 5.21 -10.74 0.29
N PHE C 278 6.23 -11.33 -0.31
CA PHE C 278 6.44 -12.77 -0.30
C PHE C 278 7.93 -13.13 -0.07
N TYR C 279 8.18 -13.95 0.95
CA TYR C 279 9.53 -14.44 1.25
C TYR C 279 9.62 -15.92 0.90
N GLN C 280 10.75 -16.35 0.35
CA GLN C 280 11.06 -17.77 0.20
C GLN C 280 12.47 -18.12 0.72
N ALA C 281 12.53 -18.98 1.73
CA ALA C 281 13.82 -19.39 2.28
C ALA C 281 14.72 -19.89 1.16
N SER C 282 16.03 -19.74 1.35
CA SER C 282 17.02 -20.12 0.33
C SER C 282 17.66 -21.43 0.73
N PHE C 283 17.22 -22.52 0.09
CA PHE C 283 17.65 -23.86 0.48
C PHE C 283 18.52 -24.52 -0.58
N SER C 284 19.09 -23.72 -1.48
CA SER C 284 20.13 -24.22 -2.39
C SER C 284 21.16 -23.13 -2.77
N TRP C 285 21.55 -23.10 -4.04
CA TRP C 285 22.67 -22.26 -4.50
C TRP C 285 22.35 -20.76 -4.51
N ASP C 286 21.06 -20.41 -4.57
CA ASP C 286 20.66 -19.00 -4.58
C ASP C 286 20.49 -18.49 -3.14
N THR C 287 21.60 -18.08 -2.52
CA THR C 287 21.63 -17.86 -1.07
C THR C 287 21.36 -16.42 -0.60
N MET C 288 21.29 -15.46 -1.52
CA MET C 288 20.93 -14.11 -1.10
C MET C 288 19.42 -14.07 -0.87
N ILE C 289 18.99 -13.25 0.10
CA ILE C 289 17.57 -13.21 0.50
C ILE C 289 16.61 -13.08 -0.70
N LYS C 290 15.59 -13.96 -0.73
CA LYS C 290 14.57 -13.90 -1.77
C LYS C 290 13.23 -13.44 -1.21
N PHE C 291 12.94 -12.15 -1.37
CA PHE C 291 11.60 -11.65 -1.11
C PHE C 291 11.28 -10.46 -2.01
N GLY C 292 10.15 -9.81 -1.81
CA GLY C 292 9.77 -8.71 -2.66
C GLY C 292 8.27 -8.66 -2.85
N ASP C 293 7.78 -7.49 -3.28
CA ASP C 293 6.35 -7.26 -3.49
C ASP C 293 5.67 -8.33 -4.37
N VAL C 294 4.43 -8.64 -4.03
CA VAL C 294 3.60 -9.52 -4.85
C VAL C 294 2.88 -8.69 -5.92
N LEU C 295 3.23 -8.92 -7.18
CA LEU C 295 2.59 -8.22 -8.30
C LEU C 295 1.17 -8.74 -8.50
N THR C 296 1.05 -10.05 -8.64
CA THR C 296 -0.25 -10.70 -8.72
C THR C 296 -0.21 -12.04 -7.99
N VAL C 297 -1.36 -12.47 -7.49
CA VAL C 297 -1.49 -13.68 -6.69
C VAL C 297 -1.85 -14.95 -7.48
N ASN C 298 -2.98 -14.91 -8.21
CA ASN C 298 -3.54 -16.14 -8.78
C ASN C 298 -2.87 -16.63 -10.05
N PRO C 299 -2.30 -15.69 -10.82
CA PRO C 299 -1.01 -16.07 -11.43
C PRO C 299 0.07 -15.57 -10.46
N LEU C 300 0.69 -16.47 -9.71
CA LEU C 300 1.64 -16.05 -8.68
C LEU C 300 2.95 -15.51 -9.21
N VAL C 301 3.13 -14.19 -9.17
CA VAL C 301 4.41 -13.58 -9.53
C VAL C 301 4.92 -12.61 -8.47
N VAL C 302 6.21 -12.78 -8.13
CA VAL C 302 6.87 -12.05 -7.05
C VAL C 302 8.01 -11.20 -7.63
N ASN C 303 8.02 -9.91 -7.28
CA ASN C 303 9.06 -8.99 -7.72
C ASN C 303 10.29 -9.04 -6.80
N TRP C 304 11.17 -10.01 -7.06
CA TRP C 304 12.30 -10.28 -6.19
C TRP C 304 13.21 -9.07 -6.02
N ARG C 305 13.31 -8.59 -4.79
CA ARG C 305 14.30 -7.57 -4.43
C ARG C 305 15.65 -8.02 -4.97
N ASN C 306 16.41 -7.06 -5.52
CA ASN C 306 17.75 -7.37 -5.99
C ASN C 306 18.76 -7.11 -4.86
N ASN C 307 18.53 -7.79 -3.73
CA ASN C 307 19.36 -7.65 -2.52
C ASN C 307 20.78 -8.21 -2.64
N THR C 308 21.72 -7.54 -1.98
CA THR C 308 23.13 -7.92 -2.08
C THR C 308 23.84 -7.80 -0.72
N VAL C 309 23.06 -7.93 0.35
CA VAL C 309 23.59 -7.77 1.71
C VAL C 309 23.09 -8.85 2.70
N ILE C 310 21.94 -9.45 2.41
CA ILE C 310 21.33 -10.43 3.33
C ILE C 310 21.39 -11.86 2.77
N SER C 311 21.84 -12.80 3.61
CA SER C 311 21.98 -14.20 3.21
C SER C 311 21.70 -15.17 4.38
N ARG C 312 22.08 -16.43 4.21
CA ARG C 312 22.01 -17.37 5.33
C ARG C 312 23.18 -18.36 5.33
N PRO C 313 23.49 -18.96 6.50
CA PRO C 313 24.52 -20.00 6.51
C PRO C 313 24.02 -21.25 5.78
N GLY C 314 24.86 -21.81 4.91
CA GLY C 314 24.62 -23.13 4.35
C GLY C 314 25.64 -24.09 4.94
N GLN C 315 25.99 -25.12 4.19
CA GLN C 315 27.13 -25.96 4.55
C GLN C 315 28.28 -25.66 3.57
N SER C 316 29.10 -26.64 3.22
CA SER C 316 30.24 -26.36 2.34
C SER C 316 29.86 -25.97 0.89
N GLN C 317 28.98 -26.73 0.23
CA GLN C 317 28.64 -26.45 -1.18
C GLN C 317 28.06 -25.06 -1.40
N CYS C 318 27.00 -24.74 -0.65
CA CYS C 318 26.31 -23.47 -0.81
C CYS C 318 26.26 -22.67 0.49
N PRO C 319 27.40 -22.11 0.93
CA PRO C 319 27.49 -21.34 2.18
C PRO C 319 26.86 -19.95 2.02
N ARG C 320 26.89 -19.16 3.09
CA ARG C 320 26.41 -17.79 3.01
C ARG C 320 27.13 -17.03 1.90
N PHE C 321 26.36 -16.32 1.07
CA PHE C 321 26.86 -15.44 0.01
C PHE C 321 27.03 -16.13 -1.34
N ASN C 322 26.96 -17.47 -1.36
CA ASN C 322 27.07 -18.18 -2.62
C ASN C 322 26.00 -17.71 -3.60
N THR C 323 26.40 -17.44 -4.85
CA THR C 323 25.47 -16.99 -5.90
C THR C 323 25.50 -17.89 -7.14
N CYS C 324 26.59 -18.65 -7.27
CA CYS C 324 26.77 -19.58 -8.39
C CYS C 324 25.91 -20.84 -8.26
N PRO C 325 25.24 -21.24 -9.35
CA PRO C 325 24.38 -22.43 -9.37
C PRO C 325 25.13 -23.73 -9.05
N GLU C 326 25.03 -24.17 -7.80
CA GLU C 326 25.57 -25.46 -7.40
C GLU C 326 24.41 -26.43 -7.15
N ILE C 327 24.75 -27.71 -7.07
CA ILE C 327 23.74 -28.75 -6.81
C ILE C 327 23.75 -29.14 -5.33
N CYS C 328 22.75 -28.63 -4.60
CA CYS C 328 22.74 -28.75 -3.14
C CYS C 328 21.35 -28.52 -2.54
N TRP C 329 21.24 -28.84 -1.24
CA TRP C 329 20.01 -28.66 -0.50
C TRP C 329 20.36 -28.44 0.98
N GLU C 330 20.32 -27.17 1.40
CA GLU C 330 20.75 -26.77 2.74
C GLU C 330 20.37 -25.32 2.99
N GLY C 331 20.33 -24.92 4.26
CA GLY C 331 20.04 -23.54 4.60
C GLY C 331 19.16 -23.41 5.84
N VAL C 332 18.78 -22.18 6.15
CA VAL C 332 17.87 -21.93 7.27
C VAL C 332 16.80 -20.91 6.85
N TYR C 333 15.76 -20.79 7.66
CA TYR C 333 14.70 -19.81 7.41
C TYR C 333 14.83 -18.63 8.38
N ASN C 334 15.45 -17.55 7.91
CA ASN C 334 15.41 -16.25 8.58
C ASN C 334 14.65 -15.29 7.68
N ASP C 335 13.38 -15.03 7.99
CA ASP C 335 12.59 -14.20 7.08
C ASP C 335 12.83 -12.70 7.35
N ALA C 336 12.19 -11.86 6.56
CA ALA C 336 12.37 -10.41 6.66
C ALA C 336 11.06 -9.67 6.42
N PHE C 337 10.73 -8.78 7.34
CA PHE C 337 9.46 -8.05 7.27
C PHE C 337 9.67 -6.60 6.76
N LEU C 338 9.07 -6.29 5.62
CA LEU C 338 9.10 -4.94 5.06
C LEU C 338 8.48 -3.94 6.03
N ILE C 339 9.19 -2.84 6.28
CA ILE C 339 8.67 -1.82 7.19
C ILE C 339 8.49 -0.45 6.53
N ASP C 340 9.16 -0.23 5.39
CA ASP C 340 9.06 1.02 4.64
C ASP C 340 9.06 0.76 3.14
N ARG C 341 7.92 0.98 2.48
CA ARG C 341 7.84 0.70 1.05
C ARG C 341 8.44 1.82 0.18
N ILE C 342 8.25 3.07 0.60
CA ILE C 342 8.83 4.20 -0.11
C ILE C 342 10.35 4.03 -0.29
N ASN C 343 11.03 3.64 0.77
CA ASN C 343 12.48 3.48 0.76
C ASN C 343 12.96 2.01 0.71
N TRP C 344 12.01 1.09 0.65
CA TRP C 344 12.25 -0.37 0.78
C TRP C 344 13.22 -0.82 1.87
N ILE C 345 12.82 -0.59 3.11
CA ILE C 345 13.59 -1.01 4.27
C ILE C 345 12.86 -2.16 4.96
N SER C 346 13.61 -3.23 5.25
CA SER C 346 13.05 -4.40 5.91
C SER C 346 13.84 -4.78 7.18
N ALA C 347 13.17 -5.48 8.09
CA ALA C 347 13.78 -5.89 9.35
C ALA C 347 13.71 -7.40 9.48
N GLY C 348 14.78 -7.99 10.00
CA GLY C 348 14.83 -9.44 10.20
C GLY C 348 15.88 -9.84 11.23
N VAL C 349 15.90 -11.13 11.58
CA VAL C 349 16.97 -11.65 12.42
C VAL C 349 17.79 -12.64 11.62
N PHE C 350 19.06 -12.32 11.42
CA PHE C 350 19.89 -13.19 10.59
C PHE C 350 21.08 -13.74 11.36
N LEU C 351 21.64 -14.83 10.83
CA LEU C 351 22.70 -15.53 11.53
C LEU C 351 24.04 -15.14 10.91
N ASP C 352 24.86 -14.46 11.70
CA ASP C 352 26.12 -13.93 11.18
C ASP C 352 27.18 -15.02 11.20
N SER C 353 26.95 -16.08 10.42
CA SER C 353 27.95 -17.12 10.21
C SER C 353 27.81 -17.68 8.81
N ASN C 354 28.91 -18.19 8.26
CA ASN C 354 28.90 -18.73 6.90
C ASN C 354 28.30 -20.14 6.80
N GLN C 355 28.83 -21.07 7.60
CA GLN C 355 28.40 -22.46 7.51
C GLN C 355 27.84 -22.97 8.83
N THR C 356 27.47 -22.06 9.71
CA THR C 356 27.11 -22.42 11.06
C THR C 356 25.86 -21.73 11.53
N ALA C 357 25.04 -22.43 12.32
CA ALA C 357 23.82 -21.87 12.89
C ALA C 357 24.08 -21.15 14.22
N GLU C 358 24.79 -20.03 14.15
CA GLU C 358 24.97 -19.20 15.34
C GLU C 358 25.04 -17.71 15.05
N ASN C 359 24.78 -16.94 16.11
CA ASN C 359 24.85 -15.49 16.09
C ASN C 359 23.64 -14.84 15.43
N PRO C 360 22.54 -14.70 16.19
CA PRO C 360 21.33 -14.04 15.70
C PRO C 360 21.51 -12.51 15.77
N VAL C 361 21.47 -11.84 14.62
CA VAL C 361 21.57 -10.39 14.63
C VAL C 361 20.32 -9.75 14.04
N PHE C 362 19.62 -8.97 14.85
CA PHE C 362 18.44 -8.28 14.36
C PHE C 362 18.92 -7.14 13.46
N THR C 363 18.70 -7.24 12.16
CA THR C 363 19.23 -6.22 11.26
C THR C 363 18.15 -5.53 10.43
N VAL C 364 18.26 -4.20 10.35
CA VAL C 364 17.40 -3.38 9.50
C VAL C 364 18.20 -3.06 8.23
N PHE C 365 17.58 -3.19 7.05
CA PHE C 365 18.36 -3.22 5.82
C PHE C 365 17.62 -2.78 4.54
N LYS C 366 18.41 -2.38 3.55
CA LYS C 366 17.95 -2.06 2.19
C LYS C 366 18.69 -2.93 1.18
N ASP C 367 18.30 -2.86 -0.08
CA ASP C 367 18.82 -3.75 -1.11
C ASP C 367 20.34 -3.95 -1.05
N ASN C 368 21.08 -2.85 -0.90
CA ASN C 368 22.54 -2.94 -0.94
C ASN C 368 23.21 -2.22 0.24
N GLU C 369 22.43 -2.05 1.32
CA GLU C 369 22.87 -1.38 2.55
C GLU C 369 22.22 -1.97 3.81
N ILE C 370 23.03 -2.31 4.79
CA ILE C 370 22.51 -2.56 6.13
C ILE C 370 22.63 -1.24 6.89
N LEU C 371 21.49 -0.64 7.23
CA LEU C 371 21.49 0.64 7.95
C LEU C 371 21.99 0.44 9.37
N TYR C 372 21.17 -0.22 10.18
CA TYR C 372 21.54 -0.52 11.56
C TYR C 372 21.23 -1.97 11.98
N ARG C 373 21.81 -2.40 13.10
CA ARG C 373 21.60 -3.76 13.57
C ARG C 373 21.78 -3.89 15.08
N ALA C 374 21.57 -5.09 15.60
CA ALA C 374 21.62 -5.35 17.04
C ALA C 374 21.78 -6.84 17.31
N GLN C 375 22.93 -7.20 17.90
CA GLN C 375 23.17 -8.58 18.28
C GLN C 375 22.21 -8.96 19.38
N LEU C 376 21.48 -10.06 19.18
CA LEU C 376 20.56 -10.55 20.18
C LEU C 376 21.28 -11.25 21.34
N ALA C 377 22.42 -11.87 21.05
CA ALA C 377 23.19 -12.58 22.07
C ALA C 377 24.68 -12.45 21.83
N SER C 378 25.43 -13.52 22.15
CA SER C 378 26.89 -13.52 22.02
C SER C 378 27.32 -14.09 20.66
N GLU C 379 28.60 -13.93 20.33
CA GLU C 379 29.11 -14.36 19.02
C GLU C 379 28.82 -15.83 18.74
N ASP C 380 28.97 -16.67 19.76
CA ASP C 380 28.84 -18.13 19.62
C ASP C 380 27.51 -18.66 20.18
N THR C 381 26.49 -17.81 20.20
CA THR C 381 25.17 -18.27 20.64
C THR C 381 24.51 -19.02 19.49
N ASN C 382 23.94 -20.18 19.78
CA ASN C 382 23.32 -21.01 18.75
C ASN C 382 21.92 -20.52 18.37
N ALA C 383 21.68 -20.41 17.07
CA ALA C 383 20.38 -19.96 16.59
C ALA C 383 20.03 -20.58 15.25
N GLN C 384 18.73 -20.68 14.97
CA GLN C 384 18.29 -21.32 13.74
C GLN C 384 17.13 -20.57 13.07
N LYS C 385 15.96 -21.19 12.98
CA LYS C 385 14.86 -20.53 12.30
C LYS C 385 14.44 -19.27 13.08
N THR C 386 14.35 -18.15 12.36
CA THR C 386 13.89 -16.88 12.93
C THR C 386 12.68 -16.34 12.16
N ILE C 387 11.67 -15.88 12.90
CA ILE C 387 10.41 -15.43 12.31
C ILE C 387 10.05 -14.00 12.77
N THR C 388 10.12 -13.05 11.84
CA THR C 388 9.88 -11.65 12.17
C THR C 388 8.53 -11.16 11.64
N ASN C 389 7.78 -10.52 12.52
CA ASN C 389 6.53 -9.87 12.16
C ASN C 389 6.45 -8.46 12.72
N CYS C 390 5.99 -7.51 11.89
CA CYS C 390 5.90 -6.12 12.31
C CYS C 390 4.49 -5.52 12.29
N PHE C 391 4.28 -4.57 13.18
CA PHE C 391 2.97 -3.95 13.37
C PHE C 391 3.12 -2.54 13.95
N LEU C 392 2.01 -1.97 14.40
CA LEU C 392 2.03 -0.64 14.99
C LEU C 392 1.52 -0.68 16.42
N LEU C 393 2.12 0.15 17.26
CA LEU C 393 1.60 0.40 18.61
C LEU C 393 1.71 1.90 18.88
N LYS C 394 0.54 2.56 18.92
CA LYS C 394 0.49 4.03 18.97
C LYS C 394 1.26 4.58 17.77
N ASN C 395 0.86 4.12 16.58
CA ASN C 395 1.49 4.50 15.32
C ASN C 395 3.03 4.34 15.27
N LYS C 396 3.60 3.72 16.29
CA LYS C 396 5.02 3.41 16.30
C LYS C 396 5.25 1.97 15.82
N ILE C 397 6.24 1.78 14.94
CA ILE C 397 6.58 0.44 14.43
C ILE C 397 7.28 -0.48 15.44
N TRP C 398 6.66 -1.63 15.69
CA TRP C 398 7.29 -2.66 16.50
C TRP C 398 7.51 -3.94 15.69
N CYS C 399 8.56 -4.67 16.03
CA CYS C 399 8.77 -5.99 15.47
C CYS C 399 8.86 -7.01 16.57
N ILE C 400 8.21 -8.15 16.35
CA ILE C 400 8.39 -9.29 17.22
C ILE C 400 9.03 -10.43 16.41
N SER C 401 10.20 -10.86 16.88
CA SER C 401 10.91 -11.96 16.22
C SER C 401 10.99 -13.19 17.11
N LEU C 402 10.57 -14.32 16.56
CA LEU C 402 10.72 -15.59 17.23
C LEU C 402 12.05 -16.17 16.75
N VAL C 403 12.92 -16.48 17.70
CA VAL C 403 14.25 -16.94 17.36
C VAL C 403 14.61 -18.25 18.06
N GLU C 404 14.88 -19.28 17.26
CA GLU C 404 15.44 -20.52 17.75
C GLU C 404 16.82 -20.25 18.33
N ILE C 405 16.91 -20.24 19.66
CA ILE C 405 18.15 -19.77 20.29
C ILE C 405 18.50 -20.51 21.58
N TYR C 406 19.79 -20.85 21.71
CA TYR C 406 20.37 -21.31 22.97
C TYR C 406 21.89 -21.22 22.92
N ASP C 407 22.54 -21.08 24.07
CA ASP C 407 24.00 -21.22 24.06
C ASP C 407 24.46 -22.42 24.87
N THR C 408 25.45 -23.13 24.32
CA THR C 408 25.77 -24.50 24.73
C THR C 408 25.69 -24.71 26.24
N GLY C 409 24.94 -25.74 26.64
CA GLY C 409 24.87 -26.14 28.03
C GLY C 409 23.69 -25.68 28.86
N ASP C 410 22.66 -25.10 28.24
CA ASP C 410 21.42 -24.89 29.00
C ASP C 410 20.54 -26.14 28.94
N ASN C 411 19.72 -26.29 29.98
CA ASN C 411 18.97 -27.53 30.21
C ASN C 411 17.87 -27.77 29.19
N VAL C 412 16.89 -26.88 29.14
CA VAL C 412 15.87 -26.96 28.11
C VAL C 412 16.15 -26.00 26.96
N ILE C 413 16.23 -26.54 25.75
CA ILE C 413 16.41 -25.73 24.55
C ILE C 413 15.04 -25.32 23.99
N ARG C 414 14.88 -24.04 23.67
CA ARG C 414 13.60 -23.52 23.19
C ARG C 414 13.73 -22.15 22.53
N PRO C 415 12.76 -21.80 21.66
CA PRO C 415 12.80 -20.49 20.97
C PRO C 415 12.46 -19.34 21.92
N LYS C 416 13.01 -18.15 21.66
CA LYS C 416 12.70 -16.99 22.47
C LYS C 416 12.04 -15.89 21.63
N LEU C 417 11.31 -15.00 22.31
CA LEU C 417 10.60 -13.91 21.66
C LEU C 417 11.21 -12.54 21.96
N PHE C 418 11.53 -11.80 20.91
CA PHE C 418 12.13 -10.47 21.05
C PHE C 418 11.26 -9.35 20.47
N ALA C 419 10.87 -8.41 21.32
CA ALA C 419 10.20 -7.20 20.86
C ALA C 419 11.25 -6.13 20.55
N VAL C 420 11.15 -5.51 19.39
CA VAL C 420 12.17 -4.55 18.96
C VAL C 420 11.55 -3.32 18.32
N LYS C 421 11.33 -2.27 19.12
CA LYS C 421 10.81 -1.01 18.60
C LYS C 421 11.78 -0.43 17.57
N ILE C 422 11.23 0.13 16.50
CA ILE C 422 12.06 0.73 15.45
C ILE C 422 12.23 2.23 15.71
N PRO C 423 13.50 2.69 15.77
CA PRO C 423 13.81 4.03 16.28
C PRO C 423 13.56 5.15 15.25
N GLU C 424 12.96 6.25 15.71
CA GLU C 424 12.76 7.44 14.89
C GLU C 424 14.06 8.25 14.76
N GLN C 425 14.74 8.47 15.88
CA GLN C 425 16.02 9.16 15.90
C GLN C 425 17.17 8.28 15.40
N CYS C 426 18.19 8.91 14.84
CA CYS C 426 19.37 8.18 14.35
C CYS C 426 20.54 8.31 15.31
N THR C 427 20.26 8.83 16.50
CA THR C 427 21.34 9.25 17.39
C THR C 427 21.47 8.42 18.69
N ALA C 428 20.88 8.91 19.79
CA ALA C 428 21.23 8.39 21.11
C ALA C 428 20.18 7.47 21.73
N SER D 1 42.18 -25.53 21.78
CA SER D 1 40.96 -25.88 21.06
C SER D 1 41.27 -26.80 19.87
N LEU D 2 40.32 -26.90 18.93
CA LEU D 2 40.42 -27.89 17.85
C LEU D 2 41.23 -27.47 16.62
N GLU D 3 42.14 -28.34 16.22
CA GLU D 3 43.04 -28.11 15.10
C GLU D 3 42.39 -28.49 13.75
N PRO D 4 42.53 -27.61 12.75
CA PRO D 4 41.96 -27.86 11.41
C PRO D 4 42.57 -29.10 10.74
N VAL D 5 41.75 -29.79 9.95
CA VAL D 5 42.18 -30.98 9.25
C VAL D 5 42.44 -30.68 7.78
N TYR D 6 43.71 -30.70 7.38
CA TYR D 6 44.06 -30.52 5.98
C TYR D 6 43.97 -31.85 5.23
N TRP D 7 42.89 -32.03 4.47
CA TRP D 7 42.63 -33.32 3.85
C TRP D 7 43.40 -33.55 2.53
N ASN D 8 44.68 -33.89 2.67
CA ASN D 8 45.50 -34.37 1.55
C ASN D 8 46.68 -35.21 2.04
N SER D 9 47.33 -35.90 1.11
CA SER D 9 48.39 -36.85 1.44
C SER D 9 49.51 -36.21 2.25
N ALA D 10 49.70 -34.91 2.06
CA ALA D 10 50.77 -34.18 2.76
C ALA D 10 50.52 -34.07 4.27
N ASN D 11 49.28 -34.30 4.71
CA ASN D 11 48.92 -34.10 6.12
C ASN D 11 49.82 -34.83 7.11
N LYS D 12 49.95 -36.14 6.95
CA LYS D 12 50.93 -36.92 7.73
C LYS D 12 50.38 -37.38 9.08
N ARG D 13 49.40 -36.64 9.61
CA ARG D 13 48.78 -37.00 10.88
C ARG D 13 47.90 -38.22 10.66
N PHE D 14 47.60 -38.51 9.39
CA PHE D 14 46.79 -39.64 8.97
C PHE D 14 47.47 -40.99 9.27
N GLN D 15 48.69 -41.17 8.77
CA GLN D 15 49.44 -42.40 9.03
C GLN D 15 50.45 -42.24 10.17
N ALA D 16 50.01 -41.65 11.28
CA ALA D 16 50.83 -41.54 12.47
C ALA D 16 50.46 -42.68 13.44
N GLU D 17 50.81 -42.52 14.70
CA GLU D 17 50.66 -43.59 15.70
C GLU D 17 49.21 -43.92 16.06
N GLY D 18 48.55 -43.02 16.80
CA GLY D 18 47.16 -43.18 17.19
C GLY D 18 46.22 -43.28 16.00
N GLY D 19 46.55 -42.56 14.93
CA GLY D 19 45.78 -42.63 13.70
C GLY D 19 44.68 -41.58 13.60
N TYR D 20 45.02 -40.36 14.01
CA TYR D 20 44.13 -39.19 13.83
C TYR D 20 42.82 -39.29 14.62
N VAL D 21 42.93 -39.17 15.94
CA VAL D 21 41.75 -39.14 16.79
C VAL D 21 41.51 -37.72 17.30
N LEU D 22 40.26 -37.30 17.30
CA LEU D 22 39.89 -36.00 17.83
C LEU D 22 38.87 -36.13 18.95
N TYR D 23 39.06 -35.36 20.02
CA TYR D 23 38.10 -35.35 21.12
C TYR D 23 37.35 -34.01 21.19
N PRO D 24 36.40 -33.80 20.25
CA PRO D 24 35.61 -32.56 20.22
C PRO D 24 34.78 -32.38 21.48
N GLN D 25 34.83 -31.18 22.04
CA GLN D 25 33.96 -30.78 23.15
C GLN D 25 32.62 -30.35 22.58
N ILE D 26 31.55 -30.50 23.35
CA ILE D 26 30.28 -29.93 22.91
C ILE D 26 30.44 -28.40 22.83
N GLY D 27 30.20 -27.86 21.64
CA GLY D 27 30.34 -26.43 21.41
C GLY D 27 31.48 -26.10 20.46
N ASP D 28 32.44 -27.02 20.31
CA ASP D 28 33.60 -26.80 19.45
C ASP D 28 33.25 -26.69 17.96
N ARG D 29 34.17 -26.12 17.20
CA ARG D 29 34.06 -26.08 15.73
C ARG D 29 35.14 -26.97 15.13
N LEU D 30 34.90 -27.44 13.91
CA LEU D 30 35.88 -28.25 13.20
C LEU D 30 35.86 -27.87 11.72
N ASP D 31 37.03 -27.47 11.22
CA ASP D 31 37.17 -27.05 9.83
C ASP D 31 37.93 -28.11 9.02
N LEU D 32 37.32 -28.55 7.93
CA LEU D 32 38.01 -29.46 7.02
C LEU D 32 38.46 -28.68 5.78
N LEU D 33 39.74 -28.73 5.48
CA LEU D 33 40.30 -27.94 4.37
C LEU D 33 40.83 -28.79 3.22
N CYS D 34 40.44 -28.45 2.00
CA CYS D 34 41.04 -29.00 0.78
C CYS D 34 41.75 -27.86 0.07
N PRO D 35 43.04 -27.65 0.40
CA PRO D 35 43.79 -26.43 0.06
C PRO D 35 44.29 -26.35 -1.39
N ARG D 36 43.87 -25.32 -2.11
CA ARG D 36 44.50 -24.88 -3.36
C ARG D 36 45.34 -25.92 -4.10
N ALA D 37 46.64 -25.96 -3.76
CA ALA D 37 47.62 -26.88 -4.38
C ALA D 37 47.86 -26.68 -5.88
N ARG D 38 47.12 -25.75 -6.50
CA ARG D 38 47.35 -25.41 -7.92
C ARG D 38 48.38 -24.27 -8.05
N PRO D 39 48.06 -23.06 -7.54
CA PRO D 39 49.17 -22.16 -7.15
C PRO D 39 49.64 -22.50 -5.73
N PRO D 40 50.51 -23.51 -5.61
CA PRO D 40 50.78 -24.22 -4.35
C PRO D 40 51.40 -23.38 -3.23
N GLY D 41 50.70 -23.32 -2.10
CA GLY D 41 51.25 -22.79 -0.87
C GLY D 41 51.43 -23.94 0.12
N PRO D 42 51.78 -23.62 1.38
CA PRO D 42 51.98 -24.68 2.37
C PRO D 42 50.71 -25.48 2.62
N HIS D 43 50.83 -26.61 3.31
CA HIS D 43 49.68 -27.46 3.62
C HIS D 43 49.08 -28.17 2.40
N SER D 44 49.38 -27.67 1.20
CA SER D 44 48.90 -28.30 -0.03
C SER D 44 49.78 -29.50 -0.42
N SER D 45 49.28 -30.30 -1.35
CA SER D 45 49.92 -31.59 -1.67
C SER D 45 50.57 -31.61 -3.05
N PRO D 46 51.57 -32.51 -3.23
CA PRO D 46 52.28 -32.73 -4.50
C PRO D 46 51.44 -32.36 -5.72
N SER D 47 50.30 -33.03 -5.90
CA SER D 47 49.32 -32.59 -6.90
C SER D 47 47.96 -32.40 -6.21
N TYR D 48 46.92 -32.14 -6.98
CA TYR D 48 45.58 -32.05 -6.41
C TYR D 48 45.01 -33.46 -6.25
N GLU D 49 44.49 -33.74 -5.04
CA GLU D 49 43.92 -35.05 -4.75
C GLU D 49 42.40 -34.94 -4.59
N PHE D 50 41.68 -35.68 -5.43
CA PHE D 50 40.22 -35.63 -5.47
C PHE D 50 39.55 -36.50 -4.41
N TYR D 51 38.81 -35.85 -3.52
CA TYR D 51 38.19 -36.53 -2.39
C TYR D 51 36.75 -36.13 -2.15
N LYS D 52 35.95 -37.06 -1.64
CA LYS D 52 34.68 -36.72 -1.01
C LYS D 52 34.76 -37.16 0.45
N LEU D 53 34.43 -36.25 1.35
CA LEU D 53 34.51 -36.53 2.78
C LEU D 53 33.14 -36.87 3.35
N TYR D 54 33.03 -38.08 3.92
CA TYR D 54 31.77 -38.53 4.48
C TYR D 54 31.88 -38.61 6.00
N LEU D 55 30.79 -38.24 6.68
CA LEU D 55 30.66 -38.46 8.11
C LEU D 55 29.89 -39.77 8.29
N VAL D 56 30.44 -40.64 9.15
CA VAL D 56 30.06 -42.05 9.17
C VAL D 56 29.94 -42.69 10.57
N GLU D 57 29.23 -43.84 10.61
CA GLU D 57 28.82 -44.49 11.86
C GLU D 57 29.92 -44.83 12.85
N GLY D 58 31.08 -45.25 12.38
CA GLY D 58 32.10 -45.75 13.29
C GLY D 58 32.38 -47.20 13.00
N ALA D 59 31.36 -48.04 13.08
CA ALA D 59 31.48 -49.40 12.55
C ALA D 59 31.74 -49.29 11.05
N GLN D 60 31.10 -48.32 10.40
CA GLN D 60 31.28 -48.05 8.98
C GLN D 60 32.65 -47.42 8.72
N GLY D 61 33.16 -46.70 9.71
CA GLY D 61 34.49 -46.14 9.63
C GLY D 61 35.54 -47.23 9.59
N ARG D 62 35.46 -48.16 10.55
CA ARG D 62 36.26 -49.38 10.55
C ARG D 62 36.30 -50.01 9.16
N ARG D 63 35.12 -50.40 8.68
CA ARG D 63 34.96 -51.09 7.41
C ARG D 63 35.45 -50.24 6.24
N CYS D 64 35.86 -49.01 6.54
CA CYS D 64 36.20 -48.02 5.54
C CYS D 64 35.15 -47.96 4.44
N GLU D 65 33.89 -47.85 4.84
CA GLU D 65 32.82 -47.80 3.84
C GLU D 65 31.65 -46.92 4.27
N ALA D 66 31.14 -46.15 3.32
CA ALA D 66 30.04 -45.21 3.56
C ALA D 66 28.76 -45.69 2.89
N PRO D 67 27.63 -45.56 3.59
CA PRO D 67 26.31 -46.06 3.16
C PRO D 67 25.81 -45.36 1.91
N PRO D 68 24.82 -45.97 1.23
CA PRO D 68 24.15 -45.30 0.10
C PRO D 68 23.48 -44.04 0.62
N ALA D 69 23.52 -42.96 -0.16
CA ALA D 69 23.09 -41.64 0.30
C ALA D 69 23.82 -41.25 1.60
N PRO D 70 25.16 -41.13 1.52
CA PRO D 70 26.03 -40.88 2.68
C PRO D 70 25.91 -39.45 3.20
N ASN D 71 26.47 -39.22 4.38
CA ASN D 71 26.55 -37.86 4.93
C ASN D 71 27.75 -37.12 4.33
N LEU D 72 27.55 -36.54 3.14
CA LEU D 72 28.63 -35.87 2.42
C LEU D 72 28.92 -34.48 2.98
N LEU D 73 30.08 -34.33 3.61
CA LEU D 73 30.51 -33.07 4.19
C LEU D 73 31.12 -32.11 3.16
N LEU D 74 32.03 -32.63 2.33
CA LEU D 74 32.89 -31.80 1.49
C LEU D 74 33.33 -32.51 0.20
N THR D 75 32.98 -31.93 -0.94
CA THR D 75 33.43 -32.45 -2.24
C THR D 75 34.63 -31.64 -2.70
N CYS D 76 35.70 -32.31 -3.12
CA CYS D 76 36.92 -31.60 -3.54
C CYS D 76 37.17 -31.62 -5.07
N ASP D 77 36.46 -30.76 -5.81
CA ASP D 77 36.51 -30.72 -7.27
C ASP D 77 37.42 -29.62 -7.81
N ARG D 78 37.87 -28.71 -6.95
CA ARG D 78 38.41 -27.45 -7.41
C ARG D 78 39.88 -27.25 -7.03
N PRO D 79 40.81 -27.58 -7.95
CA PRO D 79 42.24 -27.41 -7.69
C PRO D 79 42.66 -25.94 -7.61
N ASP D 80 41.85 -25.07 -8.19
CA ASP D 80 42.12 -23.64 -8.18
C ASP D 80 41.90 -23.02 -6.80
N LEU D 81 40.80 -23.41 -6.16
CA LEU D 81 40.35 -22.78 -4.92
C LEU D 81 40.77 -23.55 -3.66
N ASP D 82 40.75 -22.86 -2.53
CA ASP D 82 40.76 -23.53 -1.23
C ASP D 82 39.29 -23.84 -0.92
N LEU D 83 39.02 -25.05 -0.45
CA LEU D 83 37.67 -25.43 -0.08
C LEU D 83 37.67 -25.81 1.40
N ARG D 84 36.65 -25.35 2.13
CA ARG D 84 36.55 -25.68 3.56
C ARG D 84 35.11 -25.92 4.02
N PHE D 85 34.98 -26.77 5.02
CA PHE D 85 33.70 -27.05 5.67
C PHE D 85 33.86 -26.93 7.18
N THR D 86 32.80 -26.51 7.84
CA THR D 86 32.85 -26.24 9.27
C THR D 86 31.65 -26.88 10.00
N ILE D 87 31.94 -27.70 10.99
CA ILE D 87 30.89 -28.24 11.86
C ILE D 87 31.02 -27.59 13.21
N LYS D 88 29.89 -27.17 13.79
CA LYS D 88 29.85 -26.86 15.23
C LYS D 88 29.09 -27.97 15.96
N PHE D 89 29.78 -28.62 16.90
CA PHE D 89 29.18 -29.70 17.67
C PHE D 89 28.10 -29.15 18.58
N GLN D 90 26.89 -29.14 18.03
CA GLN D 90 25.78 -28.33 18.52
C GLN D 90 24.47 -28.87 17.92
N GLU D 91 23.34 -28.38 18.42
CA GLU D 91 22.06 -28.94 18.02
C GLU D 91 21.45 -28.30 16.75
N TYR D 92 21.78 -27.05 16.47
CA TYR D 92 21.27 -26.36 15.28
C TYR D 92 22.27 -26.40 14.12
N SER D 93 21.76 -26.37 12.90
CA SER D 93 22.61 -26.44 11.72
C SER D 93 21.88 -26.08 10.40
N PRO D 94 22.64 -25.60 9.39
CA PRO D 94 22.11 -25.36 8.04
C PRO D 94 21.82 -26.68 7.32
N ASN D 95 22.15 -27.81 7.95
CA ASN D 95 21.85 -29.13 7.40
C ASN D 95 20.37 -29.48 7.54
N LEU D 96 19.78 -29.99 6.45
CA LEU D 96 18.33 -30.20 6.39
C LEU D 96 17.89 -31.67 6.58
N TRP D 97 18.87 -32.56 6.78
CA TRP D 97 18.58 -33.99 6.88
C TRP D 97 18.27 -34.46 8.31
N GLY D 98 18.80 -33.74 9.30
CA GLY D 98 18.51 -34.06 10.69
C GLY D 98 19.18 -35.35 11.14
N HIS D 99 20.51 -35.37 11.04
CA HIS D 99 21.29 -36.45 11.64
C HIS D 99 21.41 -36.16 13.15
N GLU D 100 22.45 -36.68 13.79
CA GLU D 100 22.72 -36.37 15.19
C GLU D 100 23.90 -37.17 15.72
N PHE D 101 24.63 -36.59 16.66
CA PHE D 101 25.67 -37.33 17.39
C PHE D 101 25.07 -37.97 18.64
N ARG D 102 25.47 -39.19 18.93
CA ARG D 102 25.00 -39.89 20.11
C ARG D 102 26.03 -39.80 21.24
N SER D 103 25.65 -40.29 22.42
CA SER D 103 26.56 -40.32 23.57
C SER D 103 27.41 -41.59 23.56
N HIS D 104 28.71 -41.41 23.78
CA HIS D 104 29.62 -42.54 23.90
C HIS D 104 29.72 -43.34 22.60
N HIS D 105 29.27 -42.73 21.50
CA HIS D 105 29.41 -43.32 20.18
C HIS D 105 30.60 -42.72 19.42
N ASP D 106 31.40 -43.58 18.80
CA ASP D 106 32.48 -43.11 17.94
C ASP D 106 31.93 -42.87 16.53
N TYR D 107 32.29 -41.74 15.93
CA TYR D 107 32.00 -41.52 14.51
C TYR D 107 33.31 -41.35 13.74
N TYR D 108 33.23 -41.45 12.42
CA TYR D 108 34.42 -41.27 11.61
C TYR D 108 34.12 -40.27 10.51
N ILE D 109 35.15 -39.53 10.10
CA ILE D 109 35.12 -38.87 8.80
C ILE D 109 36.08 -39.69 7.92
N ILE D 110 35.66 -39.98 6.69
CA ILE D 110 36.48 -40.79 5.79
C ILE D 110 36.46 -40.29 4.35
N ALA D 111 37.50 -40.68 3.61
CA ALA D 111 37.54 -40.52 2.16
C ALA D 111 37.64 -41.92 1.53
N THR D 112 36.71 -42.25 0.64
CA THR D 112 36.66 -43.58 0.05
C THR D 112 36.95 -43.61 -1.47
N SER D 113 37.38 -42.48 -2.02
CA SER D 113 37.82 -42.44 -3.42
C SER D 113 39.28 -42.88 -3.48
N ASP D 114 39.85 -42.94 -4.68
CA ASP D 114 41.27 -43.27 -4.82
C ASP D 114 42.13 -42.03 -5.06
N GLY D 115 41.50 -40.86 -5.02
CA GLY D 115 42.19 -39.59 -5.16
C GLY D 115 42.18 -39.04 -6.58
N THR D 116 41.29 -39.57 -7.41
CA THR D 116 41.27 -39.25 -8.84
C THR D 116 39.88 -38.84 -9.30
N ARG D 117 39.82 -37.85 -10.20
CA ARG D 117 38.54 -37.31 -10.66
C ARG D 117 37.57 -38.44 -11.04
N GLU D 118 38.11 -39.56 -11.50
CA GLU D 118 37.32 -40.68 -12.01
C GLU D 118 36.79 -41.60 -10.90
N GLY D 119 37.67 -41.99 -9.98
CA GLY D 119 37.28 -42.84 -8.88
C GLY D 119 36.83 -42.07 -7.65
N LEU D 120 36.17 -40.93 -7.88
CA LEU D 120 35.76 -40.01 -6.83
C LEU D 120 34.48 -40.44 -6.12
N GLU D 121 33.53 -40.96 -6.89
CA GLU D 121 32.21 -41.34 -6.37
C GLU D 121 32.18 -42.72 -5.70
N SER D 122 33.36 -43.29 -5.47
CA SER D 122 33.48 -44.60 -4.80
C SER D 122 33.14 -44.49 -3.32
N LEU D 123 32.40 -45.49 -2.81
CA LEU D 123 31.98 -45.49 -1.42
C LEU D 123 32.69 -46.54 -0.54
N GLN D 124 33.50 -47.41 -1.15
CA GLN D 124 34.26 -48.38 -0.36
C GLN D 124 35.76 -48.09 -0.27
N GLY D 125 36.29 -48.25 0.93
CA GLY D 125 37.67 -47.92 1.28
C GLY D 125 38.62 -47.67 0.13
N GLY D 126 38.89 -46.39 -0.14
CA GLY D 126 39.89 -46.05 -1.12
C GLY D 126 41.09 -45.56 -0.35
N VAL D 127 41.30 -44.24 -0.39
CA VAL D 127 42.36 -43.60 0.37
C VAL D 127 42.21 -43.90 1.86
N CYS D 128 41.00 -44.25 2.26
CA CYS D 128 40.71 -44.64 3.64
C CYS D 128 41.61 -45.82 4.05
N LEU D 129 41.73 -46.79 3.15
CA LEU D 129 42.62 -47.93 3.33
C LEU D 129 44.04 -47.58 2.91
N THR D 130 44.17 -47.12 1.66
CA THR D 130 45.45 -46.84 1.04
C THR D 130 46.32 -45.83 1.81
N ARG D 131 45.72 -44.72 2.24
CA ARG D 131 46.46 -43.68 2.96
C ARG D 131 46.00 -43.48 4.40
N GLY D 132 45.26 -44.45 4.93
CA GLY D 132 44.76 -44.35 6.30
C GLY D 132 44.02 -43.04 6.50
N MET D 133 43.32 -42.60 5.45
CA MET D 133 42.62 -41.32 5.46
C MET D 133 41.25 -41.40 6.13
N LYS D 134 41.28 -41.57 7.44
CA LYS D 134 40.07 -41.49 8.27
C LYS D 134 40.39 -40.89 9.64
N VAL D 135 39.50 -40.01 10.09
CA VAL D 135 39.65 -39.37 11.40
C VAL D 135 38.55 -39.85 12.33
N LEU D 136 38.91 -40.12 13.58
CA LEU D 136 37.94 -40.59 14.57
C LEU D 136 37.44 -39.43 15.46
N LEU D 137 36.13 -39.34 15.60
CA LEU D 137 35.52 -38.30 16.44
C LEU D 137 34.92 -38.91 17.70
N ARG D 138 35.49 -38.55 18.85
CA ARG D 138 34.90 -38.92 20.13
C ARG D 138 34.44 -37.65 20.85
N VAL D 139 33.13 -37.40 20.79
CA VAL D 139 32.53 -36.14 21.26
C VAL D 139 32.16 -36.16 22.76
N GLY D 140 32.53 -35.08 23.47
CA GLY D 140 32.19 -34.90 24.88
C GLY D 140 30.84 -35.47 25.33
N GLN D 141 30.82 -36.02 26.55
CA GLN D 141 29.68 -36.81 27.05
C GLN D 141 28.29 -36.15 26.96
#